data_4MB0
#
_entry.id   4MB0
#
_cell.length_a   266.144
_cell.length_b   60.964
_cell.length_c   75.354
_cell.angle_alpha   90.00
_cell.angle_beta   92.38
_cell.angle_gamma   90.00
#
_symmetry.space_group_name_H-M   'C 1 2 1'
#
loop_
_entity.id
_entity.type
_entity.pdbx_description
1 polymer 'phosphopantothenate synthetase'
2 non-polymer 'ACETATE ION'
3 water water
#
_entity_poly.entity_id   1
_entity_poly.type   'polypeptide(L)'
_entity_poly.pdbx_seq_one_letter_code
;MVKIPKSHPRYWSLYYREKIIEGMEKGMTAKAGLIAHGRGEAFDYLIGERTIEPAERAMRAAVAKLLLAENPVVSVNGNV
AALVPKETIELARALNAKLEINLFYRTEDRVKAIAEELRKYDPEIELLGINPTKRIPGLEHERGKVDENGIWKADVVVVP
LEDGDRTEALVRMGKFVITIDLNPLSRSARMADITIVDNIVRAYPRMTELAREMKDYSRGELIRIIEEYDNGKTLNDVLL
HIRDRLTKLAEGGIWRKKQLD
;
_entity_poly.pdbx_strand_id   A,B,C,D
#
loop_
_chem_comp.id
_chem_comp.type
_chem_comp.name
_chem_comp.formula
ACT non-polymer 'ACETATE ION' 'C2 H3 O2 -1'
#
# COMPACT_ATOMS: atom_id res chain seq x y z
N PRO A 9 2.51 1.26 -11.79
CA PRO A 9 1.61 0.55 -10.90
C PRO A 9 0.79 1.49 -10.00
N ARG A 10 0.07 2.40 -10.63
CA ARG A 10 -1.39 2.35 -10.65
C ARG A 10 -1.87 1.70 -11.96
N TYR A 11 -1.58 0.41 -12.11
CA TYR A 11 -1.75 -0.27 -13.39
C TYR A 11 -3.23 -0.41 -13.74
N TRP A 12 -4.00 -0.86 -12.77
CA TRP A 12 -5.43 -1.11 -13.03
C TRP A 12 -6.19 0.18 -13.28
N SER A 13 -5.89 1.21 -12.50
CA SER A 13 -6.44 2.54 -12.75
C SER A 13 -6.19 2.98 -14.20
N LEU A 14 -4.94 2.94 -14.62
CA LEU A 14 -4.59 3.42 -15.94
C LEU A 14 -5.14 2.49 -17.01
N TYR A 15 -5.20 1.21 -16.70
CA TYR A 15 -5.78 0.21 -17.59
C TYR A 15 -7.23 0.54 -17.95
N TYR A 16 -8.03 0.87 -16.95
CA TYR A 16 -9.44 1.10 -17.18
C TYR A 16 -9.73 2.48 -17.71
N ARG A 17 -8.85 3.42 -17.40
CA ARG A 17 -8.82 4.70 -18.10
C ARG A 17 -8.67 4.50 -19.62
N GLU A 18 -7.77 3.60 -20.02
CA GLU A 18 -7.61 3.32 -21.45
C GLU A 18 -8.85 2.64 -22.03
N LYS A 19 -9.50 1.77 -21.24
CA LYS A 19 -10.67 1.04 -21.70
C LYS A 19 -11.81 1.98 -22.00
N ILE A 20 -11.94 3.01 -21.17
CA ILE A 20 -13.05 3.93 -21.29
C ILE A 20 -12.78 4.89 -22.44
N ILE A 21 -11.51 5.17 -22.67
CA ILE A 21 -11.07 5.96 -23.81
C ILE A 21 -11.25 5.22 -25.13
N GLU A 22 -10.73 4.01 -25.22
CA GLU A 22 -11.04 3.14 -26.37
C GLU A 22 -12.54 2.91 -26.47
N GLY A 23 -13.18 2.82 -25.31
CA GLY A 23 -14.63 2.78 -25.26
C GLY A 23 -15.25 3.82 -26.17
N MET A 24 -14.72 5.05 -26.12
CA MET A 24 -15.31 6.15 -26.85
C MET A 24 -14.80 6.21 -28.30
N GLU A 25 -13.58 5.74 -28.51
CA GLU A 25 -13.04 5.65 -29.87
C GLU A 25 -13.95 4.76 -30.71
N LYS A 26 -14.44 3.68 -30.10
CA LYS A 26 -15.27 2.71 -30.80
C LYS A 26 -16.74 3.10 -30.92
N GLY A 27 -17.15 4.18 -30.26
CA GLY A 27 -18.48 4.73 -30.46
C GLY A 27 -19.48 4.26 -29.42
N MET A 28 -19.00 3.50 -28.44
CA MET A 28 -19.83 2.97 -27.36
C MET A 28 -20.13 4.03 -26.29
N THR A 29 -19.10 4.77 -25.89
CA THR A 29 -19.21 5.60 -24.69
C THR A 29 -19.12 7.10 -25.02
N ALA A 30 -20.14 7.83 -24.58
CA ALA A 30 -20.23 9.27 -24.80
C ALA A 30 -19.15 10.03 -24.03
N LYS A 31 -18.90 11.26 -24.47
CA LYS A 31 -18.02 12.23 -23.78
C LYS A 31 -18.37 12.40 -22.31
N ALA A 32 -19.66 12.57 -22.02
CA ALA A 32 -20.16 12.63 -20.64
C ALA A 32 -19.73 11.41 -19.79
N GLY A 33 -19.59 10.27 -20.45
CA GLY A 33 -19.25 9.04 -19.77
C GLY A 33 -17.83 9.06 -19.26
N LEU A 34 -16.95 9.75 -19.99
CA LEU A 34 -15.55 9.88 -19.61
C LEU A 34 -15.42 10.76 -18.36
N ILE A 35 -16.21 11.82 -18.33
CA ILE A 35 -16.37 12.66 -17.15
C ILE A 35 -16.95 11.86 -15.96
N ALA A 36 -17.99 11.07 -16.20
CA ALA A 36 -18.61 10.28 -15.14
C ALA A 36 -17.63 9.24 -14.62
N HIS A 37 -16.71 8.80 -15.47
CA HIS A 37 -15.73 7.83 -15.07
C HIS A 37 -14.78 8.40 -14.03
N GLY A 38 -14.39 9.65 -14.21
CA GLY A 38 -13.48 10.30 -13.30
C GLY A 38 -14.10 10.60 -11.96
N ARG A 39 -15.40 10.88 -11.96
CA ARG A 39 -16.15 11.07 -10.72
C ARG A 39 -16.14 9.83 -9.87
N GLY A 40 -16.35 8.67 -10.50
CA GLY A 40 -16.13 7.40 -9.86
C GLY A 40 -14.73 7.21 -9.30
N GLU A 41 -13.72 7.38 -10.16
CA GLU A 41 -12.33 7.29 -9.69
C GLU A 41 -12.11 8.12 -8.38
N ALA A 42 -12.72 9.30 -8.29
CA ALA A 42 -12.48 10.16 -7.13
C ALA A 42 -12.95 9.47 -5.86
N PHE A 43 -14.14 8.85 -5.92
CA PHE A 43 -14.68 8.14 -4.76
C PHE A 43 -13.97 6.81 -4.55
N ASP A 44 -13.43 6.27 -5.63
CA ASP A 44 -12.55 5.13 -5.45
C ASP A 44 -11.31 5.51 -4.67
N TYR A 45 -10.74 6.68 -4.97
CA TYR A 45 -9.60 7.19 -4.23
C TYR A 45 -9.96 7.32 -2.75
N LEU A 46 -11.19 7.76 -2.48
CA LEU A 46 -11.65 7.96 -1.11
C LEU A 46 -11.93 6.66 -0.37
N ILE A 47 -12.42 5.65 -1.11
CA ILE A 47 -12.73 4.36 -0.49
C ILE A 47 -11.50 3.49 -0.26
N GLY A 48 -10.51 3.63 -1.13
CA GLY A 48 -9.32 2.82 -1.02
C GLY A 48 -9.13 1.88 -2.19
N GLU A 49 -9.93 2.06 -3.24
CA GLU A 49 -9.83 1.25 -4.45
C GLU A 49 -9.88 -0.26 -4.13
N ARG A 50 -10.82 -0.64 -3.29
CA ARG A 50 -11.06 -2.04 -3.00
C ARG A 50 -12.52 -2.25 -2.67
N THR A 51 -12.92 -3.51 -2.55
CA THR A 51 -14.30 -3.85 -2.23
C THR A 51 -14.45 -3.90 -0.75
N ILE A 52 -15.22 -2.99 -0.18
CA ILE A 52 -15.30 -2.93 1.28
C ILE A 52 -16.51 -3.71 1.77
N GLU A 53 -16.53 -4.01 3.06
CA GLU A 53 -17.52 -4.95 3.59
C GLU A 53 -18.97 -4.53 3.32
N PRO A 54 -19.26 -3.23 3.48
CA PRO A 54 -20.57 -2.69 3.10
C PRO A 54 -20.95 -2.94 1.64
N ALA A 55 -19.99 -3.02 0.75
CA ALA A 55 -20.31 -3.32 -0.65
C ALA A 55 -20.51 -4.83 -0.85
N GLU A 56 -19.87 -5.60 0.01
CA GLU A 56 -20.03 -7.05 0.00
C GLU A 56 -21.40 -7.40 0.56
N ARG A 57 -21.80 -6.68 1.59
CA ARG A 57 -23.12 -6.85 2.18
C ARG A 57 -24.19 -6.60 1.12
N ALA A 58 -24.03 -5.49 0.40
CA ALA A 58 -25.05 -5.05 -0.52
C ALA A 58 -25.09 -6.00 -1.72
N MET A 59 -23.93 -6.53 -2.09
CA MET A 59 -23.85 -7.50 -3.20
C MET A 59 -24.46 -8.86 -2.85
N ARG A 60 -24.29 -9.30 -1.61
CA ARG A 60 -25.02 -10.43 -1.10
C ARG A 60 -26.52 -10.25 -1.30
N ALA A 61 -27.05 -9.18 -0.72
CA ALA A 61 -28.49 -8.95 -0.71
C ALA A 61 -29.01 -8.81 -2.10
N ALA A 62 -28.21 -8.22 -2.98
CA ALA A 62 -28.61 -8.03 -4.35
C ALA A 62 -28.75 -9.35 -5.13
N VAL A 63 -27.74 -10.20 -4.98
CA VAL A 63 -27.73 -11.48 -5.67
C VAL A 63 -28.87 -12.39 -5.17
N ALA A 64 -29.09 -12.40 -3.87
CA ALA A 64 -30.27 -13.06 -3.32
C ALA A 64 -31.54 -12.57 -3.98
N LYS A 65 -31.73 -11.25 -3.99
CA LYS A 65 -32.92 -10.68 -4.60
C LYS A 65 -33.01 -11.08 -6.08
N LEU A 66 -31.88 -11.04 -6.78
CA LEU A 66 -31.89 -11.32 -8.20
C LEU A 66 -32.13 -12.80 -8.48
N LEU A 67 -31.79 -13.65 -7.52
CA LEU A 67 -31.99 -15.10 -7.68
C LEU A 67 -33.45 -15.42 -7.47
N LEU A 68 -34.13 -14.63 -6.66
CA LEU A 68 -35.52 -14.90 -6.35
C LEU A 68 -36.44 -14.18 -7.32
N ALA A 69 -35.90 -13.29 -8.14
CA ALA A 69 -36.72 -12.49 -9.03
C ALA A 69 -37.43 -13.36 -10.07
N GLU A 70 -38.53 -12.86 -10.63
CA GLU A 70 -39.27 -13.57 -11.69
C GLU A 70 -38.82 -13.08 -13.04
N ASN A 71 -38.49 -11.79 -13.13
CA ASN A 71 -38.09 -11.19 -14.39
C ASN A 71 -36.90 -10.23 -14.26
N PRO A 72 -35.75 -10.74 -13.77
CA PRO A 72 -34.52 -9.93 -13.62
C PRO A 72 -33.97 -9.45 -14.93
N VAL A 73 -33.51 -8.20 -14.95
CA VAL A 73 -32.89 -7.60 -16.12
C VAL A 73 -31.68 -6.78 -15.67
N VAL A 74 -30.52 -7.04 -16.27
CA VAL A 74 -29.37 -6.18 -16.06
C VAL A 74 -29.20 -5.21 -17.21
N SER A 75 -29.18 -3.92 -16.87
CA SER A 75 -29.06 -2.87 -17.86
C SER A 75 -27.60 -2.67 -18.23
N VAL A 76 -27.37 -2.37 -19.50
CA VAL A 76 -26.03 -2.11 -20.02
C VAL A 76 -26.01 -0.73 -20.68
N ASN A 77 -24.97 0.06 -20.39
CA ASN A 77 -24.77 1.32 -21.09
C ASN A 77 -23.38 1.40 -21.68
N GLY A 78 -23.06 2.57 -22.24
CA GLY A 78 -21.75 2.83 -22.81
C GLY A 78 -20.57 2.55 -21.91
N ASN A 79 -20.65 2.96 -20.66
CA ASN A 79 -19.52 2.75 -19.75
C ASN A 79 -19.36 1.27 -19.43
N VAL A 80 -20.47 0.59 -19.17
CA VAL A 80 -20.47 -0.84 -18.88
C VAL A 80 -19.88 -1.62 -20.07
N ALA A 81 -20.29 -1.26 -21.27
CA ALA A 81 -19.80 -1.92 -22.45
C ALA A 81 -18.28 -1.80 -22.53
N ALA A 82 -17.76 -0.61 -22.20
CA ALA A 82 -16.33 -0.34 -22.34
C ALA A 82 -15.48 -1.02 -21.27
N LEU A 83 -16.09 -1.31 -20.12
CA LEU A 83 -15.30 -1.69 -18.95
C LEU A 83 -15.42 -3.18 -18.63
N VAL A 84 -16.64 -3.70 -18.71
CA VAL A 84 -16.89 -5.06 -18.29
C VAL A 84 -17.85 -5.76 -19.24
N PRO A 85 -17.62 -5.65 -20.56
CA PRO A 85 -18.49 -6.37 -21.50
C PRO A 85 -18.55 -7.88 -21.23
N LYS A 86 -17.41 -8.49 -20.93
CA LYS A 86 -17.39 -9.92 -20.72
C LYS A 86 -18.16 -10.24 -19.46
N GLU A 87 -17.83 -9.52 -18.39
CA GLU A 87 -18.36 -9.83 -17.07
C GLU A 87 -19.85 -9.51 -16.96
N THR A 88 -20.33 -8.56 -17.74
CA THR A 88 -21.76 -8.25 -17.67
C THR A 88 -22.56 -9.40 -18.26
N ILE A 89 -21.97 -10.08 -19.23
CA ILE A 89 -22.59 -11.25 -19.84
C ILE A 89 -22.56 -12.45 -18.89
N GLU A 90 -21.42 -12.68 -18.24
CA GLU A 90 -21.36 -13.75 -17.27
C GLU A 90 -22.41 -13.52 -16.18
N LEU A 91 -22.53 -12.28 -15.72
CA LEU A 91 -23.33 -12.02 -14.53
C LEU A 91 -24.81 -12.31 -14.87
N ALA A 92 -25.23 -11.86 -16.05
CA ALA A 92 -26.58 -12.09 -16.48
C ALA A 92 -26.86 -13.60 -16.60
N ARG A 93 -25.97 -14.35 -17.23
N ARG A 93 -26.02 -14.31 -17.35
CA ARG A 93 -26.18 -15.78 -17.41
CA ARG A 93 -26.05 -15.78 -17.41
C ARG A 93 -26.09 -16.55 -16.08
C ARG A 93 -26.24 -16.37 -16.02
N ALA A 94 -25.32 -16.05 -15.13
CA ALA A 94 -25.32 -16.64 -13.79
C ALA A 94 -26.67 -16.44 -13.10
N LEU A 95 -27.29 -15.28 -13.34
CA LEU A 95 -28.54 -14.91 -12.66
C LEU A 95 -29.75 -15.42 -13.45
N ASN A 96 -29.48 -15.92 -14.65
CA ASN A 96 -30.51 -16.13 -15.66
C ASN A 96 -31.37 -14.87 -15.83
N ALA A 97 -30.71 -13.77 -16.17
CA ALA A 97 -31.39 -12.50 -16.35
C ALA A 97 -31.28 -12.08 -17.79
N LYS A 98 -32.21 -11.25 -18.22
CA LYS A 98 -32.07 -10.65 -19.54
C LYS A 98 -31.10 -9.47 -19.50
N LEU A 99 -30.66 -9.07 -20.68
CA LEU A 99 -29.64 -8.07 -20.85
C LEU A 99 -30.24 -6.98 -21.74
N GLU A 100 -30.32 -5.75 -21.25
CA GLU A 100 -30.95 -4.68 -22.04
C GLU A 100 -30.02 -3.49 -22.19
N ILE A 101 -29.55 -3.28 -23.42
CA ILE A 101 -28.91 -2.04 -23.78
C ILE A 101 -29.85 -0.89 -23.44
N ASN A 102 -29.36 0.02 -22.61
CA ASN A 102 -30.20 1.05 -22.04
C ASN A 102 -29.36 2.26 -21.65
N LEU A 103 -29.48 3.34 -22.42
CA LEU A 103 -28.61 4.49 -22.21
C LEU A 103 -29.30 5.84 -22.38
N PHE A 104 -28.64 6.91 -21.94
CA PHE A 104 -29.23 8.24 -21.99
C PHE A 104 -29.03 8.86 -23.36
N TYR A 105 -27.78 9.08 -23.75
CA TYR A 105 -27.47 9.59 -25.08
C TYR A 105 -27.67 8.47 -26.09
N ARG A 106 -28.93 8.18 -26.41
CA ARG A 106 -29.26 7.09 -27.30
C ARG A 106 -28.93 7.45 -28.73
N THR A 107 -28.23 6.57 -29.41
CA THR A 107 -27.88 6.74 -30.81
C THR A 107 -27.92 5.37 -31.43
N GLU A 108 -28.35 5.28 -32.68
CA GLU A 108 -28.44 3.98 -33.33
C GLU A 108 -27.06 3.33 -33.43
N ASP A 109 -26.06 4.16 -33.75
CA ASP A 109 -24.71 3.68 -34.01
C ASP A 109 -23.98 3.31 -32.72
N ARG A 110 -24.47 3.84 -31.59
CA ARG A 110 -23.87 3.57 -30.28
C ARG A 110 -24.38 2.27 -29.70
N VAL A 111 -25.66 1.99 -29.93
CA VAL A 111 -26.23 0.68 -29.64
C VAL A 111 -25.55 -0.41 -30.46
N LYS A 112 -25.43 -0.17 -31.76
CA LYS A 112 -24.78 -1.13 -32.64
C LYS A 112 -23.41 -1.43 -32.08
N ALA A 113 -22.70 -0.36 -31.73
CA ALA A 113 -21.36 -0.45 -31.19
C ALA A 113 -21.32 -1.31 -29.91
N ILE A 114 -22.36 -1.18 -29.11
CA ILE A 114 -22.41 -1.91 -27.86
C ILE A 114 -22.85 -3.34 -28.13
N ALA A 115 -23.83 -3.50 -29.01
CA ALA A 115 -24.27 -4.83 -29.42
C ALA A 115 -23.07 -5.68 -29.84
N GLU A 116 -22.30 -5.14 -30.78
CA GLU A 116 -21.18 -5.89 -31.36
C GLU A 116 -20.18 -6.28 -30.29
N GLU A 117 -19.71 -5.30 -29.53
CA GLU A 117 -18.79 -5.56 -28.44
C GLU A 117 -19.30 -6.69 -27.54
N LEU A 118 -20.58 -6.67 -27.22
CA LEU A 118 -21.15 -7.73 -26.41
C LEU A 118 -21.10 -9.06 -27.18
N ARG A 119 -21.39 -9.00 -28.48
CA ARG A 119 -21.34 -10.21 -29.31
C ARG A 119 -19.94 -10.81 -29.45
N LYS A 120 -18.92 -10.00 -29.14
CA LYS A 120 -17.54 -10.45 -29.18
C LYS A 120 -17.21 -11.51 -28.11
N TYR A 121 -18.02 -11.59 -27.07
CA TYR A 121 -17.73 -12.54 -26.01
C TYR A 121 -18.85 -13.56 -25.93
N ASP A 122 -19.93 -13.27 -26.65
CA ASP A 122 -21.04 -14.20 -26.78
C ASP A 122 -21.92 -13.82 -27.97
N PRO A 123 -21.61 -14.38 -29.15
CA PRO A 123 -22.28 -13.97 -30.38
C PRO A 123 -23.73 -14.41 -30.44
N GLU A 124 -24.16 -15.18 -29.44
CA GLU A 124 -25.50 -15.75 -29.44
C GLU A 124 -26.25 -15.41 -28.14
N ILE A 125 -25.82 -14.36 -27.45
CA ILE A 125 -26.59 -13.81 -26.33
C ILE A 125 -27.77 -13.00 -26.83
N GLU A 126 -28.91 -13.10 -26.15
CA GLU A 126 -30.05 -12.27 -26.51
C GLU A 126 -29.93 -10.87 -25.91
N LEU A 127 -30.09 -9.86 -26.76
CA LEU A 127 -29.95 -8.48 -26.34
C LEU A 127 -31.26 -7.75 -26.50
N LEU A 128 -31.83 -7.33 -25.38
CA LEU A 128 -32.95 -6.39 -25.42
C LEU A 128 -32.47 -4.96 -25.57
N GLY A 129 -33.40 -4.09 -25.94
CA GLY A 129 -33.14 -2.65 -26.02
C GLY A 129 -32.55 -2.23 -27.35
N ILE A 130 -32.56 -3.15 -28.33
CA ILE A 130 -32.13 -2.79 -29.67
C ILE A 130 -33.16 -1.88 -30.33
N ASN A 131 -34.44 -2.17 -30.12
CA ASN A 131 -35.51 -1.38 -30.72
C ASN A 131 -36.64 -1.09 -29.74
N PRO A 132 -36.29 -0.56 -28.56
CA PRO A 132 -37.29 -0.45 -27.52
C PRO A 132 -38.54 0.25 -28.01
N THR A 133 -39.71 -0.17 -27.51
CA THR A 133 -40.97 0.40 -27.93
C THR A 133 -41.73 1.09 -26.79
N LYS A 134 -41.58 0.56 -25.58
CA LYS A 134 -42.14 1.20 -24.40
C LYS A 134 -41.29 2.39 -23.99
N ARG A 135 -41.79 3.18 -23.04
CA ARG A 135 -40.94 4.13 -22.35
C ARG A 135 -41.42 4.46 -20.95
N ILE A 136 -40.45 4.73 -20.09
CA ILE A 136 -40.70 5.12 -18.71
C ILE A 136 -41.26 6.54 -18.67
N PRO A 137 -42.28 6.77 -17.82
CA PRO A 137 -42.80 8.12 -17.62
C PRO A 137 -41.85 9.00 -16.80
N GLY A 138 -41.75 10.28 -17.18
CA GLY A 138 -41.13 11.28 -16.32
C GLY A 138 -39.68 11.54 -16.67
N LEU A 139 -39.29 11.20 -17.90
CA LEU A 139 -37.92 11.37 -18.31
C LEU A 139 -37.84 12.23 -19.58
N GLU A 140 -37.32 11.65 -20.66
CA GLU A 140 -37.47 12.24 -21.98
C GLU A 140 -38.04 11.15 -22.87
N HIS A 141 -37.78 11.24 -24.17
CA HIS A 141 -37.95 10.08 -25.03
C HIS A 141 -36.62 9.38 -25.27
N GLU A 142 -35.56 10.17 -25.48
CA GLU A 142 -34.25 9.60 -25.79
C GLU A 142 -33.59 9.01 -24.55
N ARG A 143 -34.10 9.36 -23.37
CA ARG A 143 -33.54 8.88 -22.12
C ARG A 143 -34.42 7.77 -21.52
N GLY A 144 -35.55 7.50 -22.15
CA GLY A 144 -36.70 6.92 -21.44
C GLY A 144 -37.20 5.62 -22.03
N LYS A 145 -36.65 5.24 -23.17
CA LYS A 145 -37.11 4.05 -23.87
C LYS A 145 -36.69 2.82 -23.07
N VAL A 146 -37.59 1.86 -22.95
CA VAL A 146 -37.21 0.54 -22.46
C VAL A 146 -37.90 -0.56 -23.24
N ASP A 147 -37.40 -1.77 -23.08
CA ASP A 147 -37.87 -2.88 -23.88
C ASP A 147 -39.10 -3.55 -23.28
N GLU A 148 -40.04 -3.85 -24.16
CA GLU A 148 -41.28 -4.48 -23.76
C GLU A 148 -41.01 -5.76 -22.98
N ASN A 149 -39.95 -6.47 -23.34
CA ASN A 149 -39.67 -7.79 -22.77
C ASN A 149 -38.63 -7.78 -21.66
N GLY A 150 -38.05 -6.61 -21.39
CA GLY A 150 -37.04 -6.50 -20.33
C GLY A 150 -37.53 -5.63 -19.19
N ILE A 151 -37.00 -4.42 -19.14
CA ILE A 151 -37.26 -3.53 -18.02
C ILE A 151 -38.76 -3.30 -17.83
N TRP A 152 -39.47 -3.12 -18.94
CA TRP A 152 -40.89 -2.82 -18.90
C TRP A 152 -41.64 -3.80 -18.01
N LYS A 153 -41.30 -5.09 -18.12
CA LYS A 153 -41.99 -6.13 -17.35
C LYS A 153 -41.17 -6.70 -16.22
N ALA A 154 -39.95 -6.18 -16.03
CA ALA A 154 -39.11 -6.57 -14.90
C ALA A 154 -39.79 -6.38 -13.55
N ASP A 155 -39.41 -7.21 -12.59
CA ASP A 155 -39.63 -6.91 -11.19
C ASP A 155 -38.37 -6.35 -10.55
N VAL A 156 -37.21 -6.83 -11.02
CA VAL A 156 -35.91 -6.39 -10.48
C VAL A 156 -34.99 -5.99 -11.61
N VAL A 157 -34.47 -4.75 -11.53
CA VAL A 157 -33.48 -4.30 -12.51
C VAL A 157 -32.17 -3.90 -11.84
N VAL A 158 -31.06 -4.25 -12.49
CA VAL A 158 -29.76 -3.76 -12.11
C VAL A 158 -29.39 -2.61 -13.05
N VAL A 159 -29.25 -1.41 -12.48
CA VAL A 159 -28.85 -0.24 -13.26
C VAL A 159 -27.52 0.32 -12.75
N PRO A 160 -26.44 -0.02 -13.45
CA PRO A 160 -25.12 0.35 -13.02
C PRO A 160 -24.74 1.73 -13.53
N LEU A 161 -23.92 2.45 -12.77
CA LEU A 161 -23.23 3.61 -13.32
C LEU A 161 -24.24 4.56 -13.95
N GLU A 162 -25.30 4.89 -13.21
CA GLU A 162 -26.51 5.45 -13.79
C GLU A 162 -26.69 6.91 -13.40
N ASP A 163 -27.44 7.63 -14.24
CA ASP A 163 -27.89 8.98 -13.94
C ASP A 163 -29.06 8.96 -12.97
N GLY A 164 -29.08 9.93 -12.06
CA GLY A 164 -29.94 9.85 -10.89
C GLY A 164 -31.40 9.60 -11.23
N ASP A 165 -31.88 10.29 -12.26
CA ASP A 165 -33.32 10.45 -12.47
C ASP A 165 -33.98 9.15 -12.96
N ARG A 166 -33.24 8.37 -13.75
CA ARG A 166 -33.75 7.10 -14.25
C ARG A 166 -33.99 6.13 -13.12
N THR A 167 -33.10 6.12 -12.13
CA THR A 167 -33.27 5.24 -10.98
C THR A 167 -34.57 5.55 -10.24
N GLU A 168 -34.77 6.82 -9.95
CA GLU A 168 -36.01 7.24 -9.28
C GLU A 168 -37.23 6.92 -10.14
N ALA A 169 -37.14 7.19 -11.44
CA ALA A 169 -38.23 6.92 -12.35
C ALA A 169 -38.57 5.42 -12.42
N LEU A 170 -37.56 4.57 -12.34
CA LEU A 170 -37.80 3.13 -12.30
C LEU A 170 -38.47 2.72 -11.00
N VAL A 171 -38.02 3.31 -9.91
CA VAL A 171 -38.62 2.99 -8.62
C VAL A 171 -40.09 3.41 -8.56
N ARG A 172 -40.42 4.55 -9.17
CA ARG A 172 -41.80 4.99 -9.13
C ARG A 172 -42.67 4.26 -10.16
N MET A 173 -42.03 3.50 -11.04
CA MET A 173 -42.74 2.51 -11.84
C MET A 173 -42.93 1.18 -11.09
N GLY A 174 -42.47 1.12 -9.84
CA GLY A 174 -42.60 -0.09 -9.05
C GLY A 174 -41.53 -1.16 -9.33
N LYS A 175 -40.52 -0.83 -10.14
CA LYS A 175 -39.30 -1.65 -10.24
C LYS A 175 -38.51 -1.58 -8.94
N PHE A 176 -38.02 -2.73 -8.50
CA PHE A 176 -37.01 -2.80 -7.46
C PHE A 176 -35.62 -2.67 -8.06
N VAL A 177 -34.87 -1.65 -7.63
CA VAL A 177 -33.72 -1.18 -8.37
C VAL A 177 -32.43 -1.40 -7.57
N ILE A 178 -31.48 -2.03 -8.23
CA ILE A 178 -30.15 -2.30 -7.66
C ILE A 178 -29.15 -1.54 -8.49
N THR A 179 -28.29 -0.82 -7.82
CA THR A 179 -27.28 -0.05 -8.51
C THR A 179 -25.89 -0.35 -8.02
N ILE A 180 -24.95 -0.24 -8.95
CA ILE A 180 -23.54 -0.23 -8.65
C ILE A 180 -22.98 1.13 -9.03
N ASP A 181 -22.36 1.80 -8.06
CA ASP A 181 -21.97 3.22 -8.21
C ASP A 181 -20.98 3.57 -7.11
N LEU A 182 -19.89 4.25 -7.48
CA LEU A 182 -18.83 4.58 -6.54
C LEU A 182 -19.19 5.80 -5.71
N ASN A 183 -20.18 6.54 -6.17
CA ASN A 183 -20.64 7.73 -5.48
C ASN A 183 -21.84 7.40 -4.59
N PRO A 184 -21.63 7.42 -3.28
CA PRO A 184 -22.68 7.04 -2.37
C PRO A 184 -23.71 8.14 -2.13
N LEU A 185 -23.46 9.34 -2.67
CA LEU A 185 -24.30 10.49 -2.39
C LEU A 185 -25.03 10.92 -3.66
N SER A 186 -24.84 10.19 -4.74
CA SER A 186 -25.52 10.52 -5.98
C SER A 186 -27.02 10.38 -5.78
N ARG A 187 -27.77 11.04 -6.65
CA ARG A 187 -29.22 10.88 -6.62
C ARG A 187 -29.56 9.39 -6.76
N SER A 188 -28.99 8.77 -7.77
CA SER A 188 -29.20 7.35 -8.04
C SER A 188 -28.87 6.49 -6.82
N ALA A 189 -27.71 6.73 -6.22
CA ALA A 189 -27.33 6.01 -5.01
C ALA A 189 -28.37 6.14 -3.92
N ARG A 190 -28.92 7.34 -3.77
CA ARG A 190 -29.81 7.66 -2.67
C ARG A 190 -31.17 7.01 -2.83
N MET A 191 -31.52 6.74 -4.08
CA MET A 191 -32.89 6.38 -4.46
C MET A 191 -33.07 4.87 -4.66
N ALA A 192 -31.96 4.18 -4.91
CA ALA A 192 -32.00 2.75 -5.20
C ALA A 192 -32.44 1.94 -3.98
N ASP A 193 -33.02 0.77 -4.25
CA ASP A 193 -33.37 -0.14 -3.17
C ASP A 193 -32.14 -0.82 -2.63
N ILE A 194 -31.18 -1.08 -3.49
CA ILE A 194 -29.94 -1.64 -3.02
C ILE A 194 -28.81 -0.91 -3.67
N THR A 195 -27.93 -0.33 -2.87
CA THR A 195 -26.82 0.44 -3.43
C THR A 195 -25.47 -0.22 -3.13
N ILE A 196 -24.84 -0.73 -4.17
CA ILE A 196 -23.52 -1.33 -4.08
C ILE A 196 -22.49 -0.24 -4.40
N VAL A 197 -21.72 0.13 -3.39
CA VAL A 197 -20.75 1.19 -3.53
C VAL A 197 -19.37 0.59 -3.75
N ASP A 198 -19.07 0.37 -5.02
CA ASP A 198 -17.87 -0.38 -5.39
C ASP A 198 -17.62 -0.12 -6.86
N ASN A 199 -16.39 -0.36 -7.29
CA ASN A 199 -16.06 -0.20 -8.70
C ASN A 199 -16.69 -1.38 -9.42
N ILE A 200 -17.32 -1.12 -10.57
CA ILE A 200 -18.01 -2.15 -11.29
C ILE A 200 -17.07 -3.27 -11.72
N VAL A 201 -15.79 -2.96 -11.96
CA VAL A 201 -14.85 -3.99 -12.41
C VAL A 201 -14.51 -4.98 -11.30
N ARG A 202 -14.77 -4.63 -10.05
CA ARG A 202 -14.69 -5.64 -8.99
C ARG A 202 -16.08 -6.25 -8.70
N ALA A 203 -17.13 -5.47 -8.90
CA ALA A 203 -18.43 -5.82 -8.32
C ALA A 203 -19.04 -6.94 -9.13
N TYR A 204 -18.82 -6.89 -10.45
CA TYR A 204 -19.51 -7.76 -11.35
C TYR A 204 -18.91 -9.15 -11.31
N PRO A 205 -17.57 -9.24 -11.23
CA PRO A 205 -17.00 -10.59 -11.08
C PRO A 205 -17.40 -11.20 -9.73
N ARG A 206 -17.47 -10.35 -8.72
CA ARG A 206 -17.82 -10.79 -7.36
C ARG A 206 -19.29 -11.23 -7.28
N MET A 207 -20.18 -10.48 -7.92
CA MET A 207 -21.59 -10.87 -7.96
C MET A 207 -21.76 -12.14 -8.79
N THR A 208 -20.97 -12.29 -9.85
CA THR A 208 -21.01 -13.50 -10.64
C THR A 208 -20.64 -14.71 -9.81
N GLU A 209 -19.68 -14.55 -8.91
CA GLU A 209 -19.23 -15.67 -8.08
C GLU A 209 -20.27 -15.95 -7.02
N LEU A 210 -20.87 -14.90 -6.49
CA LEU A 210 -21.89 -15.03 -5.46
C LEU A 210 -23.12 -15.78 -6.02
N ALA A 211 -23.47 -15.48 -7.27
CA ALA A 211 -24.65 -16.06 -7.85
C ALA A 211 -24.50 -17.59 -7.94
N ARG A 212 -23.33 -18.02 -8.41
CA ARG A 212 -23.04 -19.45 -8.59
C ARG A 212 -23.06 -20.19 -7.26
N GLU A 213 -22.61 -19.51 -6.22
CA GLU A 213 -22.61 -20.12 -4.90
C GLU A 213 -23.97 -20.13 -4.21
N MET A 214 -24.71 -19.03 -4.35
CA MET A 214 -25.86 -18.77 -3.50
C MET A 214 -27.10 -19.49 -4.07
N LYS A 215 -27.01 -19.88 -5.34
CA LYS A 215 -27.94 -20.82 -5.93
C LYS A 215 -28.12 -22.06 -5.09
N ASP A 216 -27.14 -22.38 -4.25
CA ASP A 216 -27.19 -23.57 -3.42
C ASP A 216 -28.00 -23.31 -2.15
N TYR A 217 -28.30 -22.05 -1.89
CA TYR A 217 -29.03 -21.67 -0.68
C TYR A 217 -30.49 -22.10 -0.80
N SER A 218 -31.17 -22.33 0.32
CA SER A 218 -32.63 -22.45 0.30
C SER A 218 -33.29 -21.13 -0.08
N ARG A 219 -34.50 -21.22 -0.60
CA ARG A 219 -35.33 -20.06 -0.84
C ARG A 219 -35.47 -19.29 0.46
N GLY A 220 -35.75 -20.03 1.52
CA GLY A 220 -35.90 -19.45 2.86
C GLY A 220 -34.70 -18.65 3.33
N GLU A 221 -33.50 -19.15 3.06
CA GLU A 221 -32.29 -18.47 3.50
C GLU A 221 -32.05 -17.22 2.66
N LEU A 222 -32.42 -17.29 1.38
CA LEU A 222 -32.31 -16.15 0.51
C LEU A 222 -33.29 -15.06 0.93
N ILE A 223 -34.44 -15.46 1.47
CA ILE A 223 -35.49 -14.48 1.77
C ILE A 223 -35.09 -13.77 3.06
N ARG A 224 -34.45 -14.50 3.95
CA ARG A 224 -33.97 -13.92 5.19
C ARG A 224 -32.90 -12.87 4.94
N ILE A 225 -31.91 -13.20 4.11
CA ILE A 225 -30.90 -12.25 3.69
C ILE A 225 -31.53 -10.99 3.11
N ILE A 226 -32.49 -11.16 2.20
CA ILE A 226 -33.15 -10.03 1.55
C ILE A 226 -33.89 -9.19 2.58
N GLU A 227 -34.53 -9.86 3.53
CA GLU A 227 -35.40 -9.18 4.50
C GLU A 227 -34.60 -8.47 5.60
N GLU A 228 -33.39 -8.93 5.86
CA GLU A 228 -32.55 -8.32 6.89
C GLU A 228 -31.82 -7.10 6.36
N TYR A 229 -31.69 -7.00 5.05
CA TYR A 229 -30.81 -5.99 4.47
C TYR A 229 -31.38 -4.58 4.67
N ASP A 230 -30.50 -3.67 5.06
CA ASP A 230 -30.89 -2.29 5.32
C ASP A 230 -29.96 -1.32 4.60
N ASN A 231 -30.45 -0.75 3.51
CA ASN A 231 -29.62 -0.04 2.53
C ASN A 231 -29.20 1.29 3.11
N GLY A 232 -30.11 1.91 3.85
CA GLY A 232 -29.81 3.09 4.67
C GLY A 232 -28.58 2.92 5.54
N LYS A 233 -28.59 1.91 6.40
CA LYS A 233 -27.46 1.64 7.29
C LYS A 233 -26.21 1.32 6.49
N THR A 234 -26.40 0.68 5.34
CA THR A 234 -25.29 0.28 4.50
C THR A 234 -24.60 1.50 3.90
N LEU A 235 -25.39 2.46 3.43
CA LEU A 235 -24.82 3.72 2.94
C LEU A 235 -24.15 4.53 4.05
N ASN A 236 -24.80 4.61 5.22
CA ASN A 236 -24.12 5.19 6.35
C ASN A 236 -22.74 4.56 6.51
N ASP A 237 -22.68 3.24 6.53
CA ASP A 237 -21.45 2.54 6.86
C ASP A 237 -20.38 2.82 5.81
N VAL A 238 -20.79 3.05 4.57
CA VAL A 238 -19.84 3.43 3.54
C VAL A 238 -19.22 4.80 3.85
N LEU A 239 -20.04 5.76 4.25
CA LEU A 239 -19.54 7.09 4.62
C LEU A 239 -18.61 6.98 5.82
N LEU A 240 -19.00 6.17 6.79
CA LEU A 240 -18.25 6.05 8.02
C LEU A 240 -16.90 5.43 7.69
N HIS A 241 -16.89 4.48 6.78
CA HIS A 241 -15.63 3.90 6.34
C HIS A 241 -14.72 5.00 5.80
N ILE A 242 -15.26 5.86 4.95
CA ILE A 242 -14.47 6.91 4.30
C ILE A 242 -13.94 7.94 5.32
N ARG A 243 -14.81 8.50 6.13
CA ARG A 243 -14.39 9.33 7.26
C ARG A 243 -13.26 8.72 8.09
N ASP A 244 -13.47 7.52 8.63
CA ASP A 244 -12.48 6.96 9.52
C ASP A 244 -11.19 6.85 8.72
N ARG A 245 -11.32 6.55 7.43
CA ARG A 245 -10.13 6.42 6.61
C ARG A 245 -9.42 7.78 6.49
N LEU A 246 -10.18 8.84 6.32
CA LEU A 246 -9.59 10.17 6.17
C LEU A 246 -8.94 10.63 7.46
N THR A 247 -9.63 10.37 8.57
CA THR A 247 -9.08 10.61 9.90
C THR A 247 -7.74 9.94 10.07
N LYS A 248 -7.62 8.69 9.64
CA LYS A 248 -6.40 7.94 9.87
C LYS A 248 -5.28 8.40 8.94
N LEU A 249 -5.59 8.62 7.67
CA LEU A 249 -4.65 9.20 6.72
C LEU A 249 -4.08 10.53 7.29
N ALA A 250 -4.95 11.40 7.76
CA ALA A 250 -4.54 12.72 8.24
C ALA A 250 -3.67 12.63 9.50
N GLU A 251 -4.06 11.78 10.44
CA GLU A 251 -3.27 11.55 11.66
C GLU A 251 -1.86 11.10 11.33
N GLY A 252 -1.73 10.25 10.32
CA GLY A 252 -0.44 9.69 9.95
C GLY A 252 0.39 10.62 9.06
N GLY A 253 -0.29 11.48 8.31
CA GLY A 253 0.39 12.32 7.32
C GLY A 253 0.43 11.60 5.98
N ILE A 254 0.37 12.37 4.88
CA ILE A 254 0.44 11.79 3.54
C ILE A 254 1.51 12.41 2.63
N TRP A 255 1.94 13.62 2.97
CA TRP A 255 2.95 14.32 2.20
C TRP A 255 4.21 13.48 2.01
N ARG A 256 4.59 13.29 0.76
CA ARG A 256 5.81 12.57 0.40
C ARG A 256 5.77 11.07 0.69
N LYS A 257 4.65 10.54 1.15
CA LYS A 257 4.47 9.09 1.28
C LYS A 257 4.20 8.44 -0.08
N LYS A 258 4.94 7.38 -0.37
CA LYS A 258 4.88 6.71 -1.68
C LYS A 258 3.50 6.09 -1.92
N GLN A 259 2.96 5.46 -0.89
CA GLN A 259 1.64 4.85 -0.98
C GLN A 259 0.89 5.04 0.33
N LEU A 260 -0.43 5.04 0.25
CA LEU A 260 -1.27 5.38 1.38
C LEU A 260 -1.81 4.11 2.03
N ASP A 261 -1.68 4.01 3.35
CA ASP A 261 -2.38 3.00 4.14
C ASP A 261 -1.36 1.98 4.69
N VAL B 2 -26.13 27.55 -24.50
CA VAL B 2 -26.10 27.31 -23.02
C VAL B 2 -27.40 26.64 -22.59
N LYS B 3 -27.33 25.31 -22.38
CA LYS B 3 -28.52 24.47 -22.30
C LYS B 3 -29.24 24.60 -20.96
N ILE B 4 -28.67 25.38 -20.04
CA ILE B 4 -29.25 25.53 -18.71
C ILE B 4 -29.28 26.98 -18.24
N PRO B 5 -30.13 27.28 -17.25
CA PRO B 5 -30.48 28.64 -16.87
C PRO B 5 -29.67 29.17 -15.71
N LYS B 6 -29.69 30.48 -15.55
CA LYS B 6 -28.75 31.15 -14.67
C LYS B 6 -29.06 30.83 -13.22
N SER B 7 -30.33 30.51 -12.94
CA SER B 7 -30.76 30.22 -11.58
C SER B 7 -30.25 28.87 -11.08
N HIS B 8 -29.87 27.99 -12.02
CA HIS B 8 -29.48 26.61 -11.68
C HIS B 8 -28.51 26.54 -10.52
N PRO B 9 -28.77 25.66 -9.56
CA PRO B 9 -27.90 25.66 -8.39
C PRO B 9 -26.54 25.06 -8.70
N ARG B 10 -26.42 24.47 -9.89
CA ARG B 10 -25.18 23.83 -10.32
C ARG B 10 -24.61 24.53 -11.55
N TYR B 11 -24.85 25.83 -11.64
CA TYR B 11 -24.70 26.51 -12.91
C TYR B 11 -23.23 26.48 -13.37
N TRP B 12 -22.32 26.81 -12.49
CA TRP B 12 -20.94 27.03 -12.93
C TRP B 12 -20.31 25.69 -13.26
N SER B 13 -20.46 24.76 -12.34
CA SER B 13 -20.07 23.37 -12.59
C SER B 13 -20.47 22.92 -14.00
N LEU B 14 -21.73 23.13 -14.35
CA LEU B 14 -22.26 22.64 -15.61
C LEU B 14 -21.73 23.50 -16.74
N TYR B 15 -21.52 24.78 -16.46
CA TYR B 15 -20.88 25.65 -17.43
C TYR B 15 -19.50 25.11 -17.83
N TYR B 16 -18.71 24.71 -16.84
CA TYR B 16 -17.35 24.29 -17.11
C TYR B 16 -17.25 22.89 -17.72
N ARG B 17 -18.26 22.06 -17.46
CA ARG B 17 -18.36 20.77 -18.12
C ARG B 17 -18.46 20.96 -19.63
N GLU B 18 -19.15 22.00 -20.06
CA GLU B 18 -19.38 22.24 -21.47
C GLU B 18 -18.12 22.82 -22.08
N LYS B 19 -17.42 23.66 -21.32
CA LYS B 19 -16.16 24.20 -21.79
C LYS B 19 -15.13 23.11 -22.03
N ILE B 20 -15.13 22.08 -21.19
CA ILE B 20 -14.11 21.05 -21.33
C ILE B 20 -14.44 20.15 -22.52
N ILE B 21 -15.74 20.01 -22.82
CA ILE B 21 -16.17 19.27 -24.00
C ILE B 21 -15.73 19.98 -25.27
N GLU B 22 -16.21 21.21 -25.45
CA GLU B 22 -15.73 22.08 -26.53
C GLU B 22 -14.23 22.00 -26.64
N GLY B 23 -13.55 22.01 -25.50
CA GLY B 23 -12.10 21.99 -25.51
C GLY B 23 -11.58 20.81 -26.29
N MET B 24 -12.24 19.68 -26.11
CA MET B 24 -11.73 18.43 -26.66
C MET B 24 -11.89 18.45 -28.18
N GLU B 25 -12.90 19.16 -28.65
CA GLU B 25 -13.25 19.14 -30.06
C GLU B 25 -12.74 20.35 -30.82
N LYS B 26 -11.88 21.13 -30.17
CA LYS B 26 -10.99 22.02 -30.89
C LYS B 26 -9.59 21.46 -30.95
N GLY B 27 -9.43 20.22 -30.52
CA GLY B 27 -8.11 19.60 -30.47
C GLY B 27 -7.24 20.03 -29.30
N MET B 28 -7.82 20.72 -28.31
CA MET B 28 -7.05 21.13 -27.13
C MET B 28 -6.98 20.05 -26.06
N THR B 29 -8.13 19.65 -25.55
CA THR B 29 -8.11 18.80 -24.36
C THR B 29 -8.20 17.33 -24.74
N ALA B 30 -7.32 16.56 -24.12
CA ALA B 30 -7.26 15.13 -24.38
C ALA B 30 -8.47 14.46 -23.77
N LYS B 31 -8.74 13.25 -24.26
CA LYS B 31 -9.77 12.40 -23.70
C LYS B 31 -9.51 12.12 -22.24
N ALA B 32 -8.25 11.92 -21.88
CA ALA B 32 -7.91 11.64 -20.49
C ALA B 32 -8.20 12.87 -19.63
N GLY B 33 -8.15 14.04 -20.27
CA GLY B 33 -8.41 15.30 -19.58
C GLY B 33 -9.89 15.44 -19.23
N LEU B 34 -10.74 14.79 -20.02
CA LEU B 34 -12.14 14.63 -19.68
C LEU B 34 -12.33 13.84 -18.37
N ILE B 35 -11.64 12.73 -18.26
CA ILE B 35 -11.71 11.88 -17.07
C ILE B 35 -11.15 12.65 -15.88
N ALA B 36 -10.10 13.43 -16.14
CA ALA B 36 -9.50 14.31 -15.12
C ALA B 36 -10.52 15.31 -14.59
N HIS B 37 -11.28 15.90 -15.51
CA HIS B 37 -12.29 16.85 -15.17
C HIS B 37 -13.34 16.28 -14.23
N GLY B 38 -13.84 15.09 -14.55
CA GLY B 38 -14.74 14.35 -13.67
C GLY B 38 -14.15 14.12 -12.28
N ARG B 39 -12.89 13.73 -12.22
CA ARG B 39 -12.24 13.57 -10.94
C ARG B 39 -12.31 14.90 -10.16
N GLY B 40 -12.18 16.00 -10.89
CA GLY B 40 -12.26 17.35 -10.33
C GLY B 40 -13.64 17.72 -9.82
N GLU B 41 -14.66 17.42 -10.61
CA GLU B 41 -16.04 17.67 -10.20
C GLU B 41 -16.34 17.05 -8.83
N ALA B 42 -16.01 15.78 -8.68
CA ALA B 42 -16.42 15.02 -7.51
C ALA B 42 -15.77 15.59 -6.25
N PHE B 43 -14.50 15.90 -6.37
CA PHE B 43 -13.72 16.48 -5.27
C PHE B 43 -14.12 17.94 -4.97
N ASP B 44 -14.47 18.70 -6.00
CA ASP B 44 -14.96 20.05 -5.80
C ASP B 44 -16.30 20.04 -5.03
N TYR B 45 -17.16 19.11 -5.38
CA TYR B 45 -18.44 18.96 -4.72
C TYR B 45 -18.21 18.68 -3.25
N LEU B 46 -17.29 17.77 -2.93
CA LEU B 46 -17.02 17.42 -1.54
C LEU B 46 -16.46 18.59 -0.78
N ILE B 47 -15.69 19.41 -1.49
CA ILE B 47 -14.89 20.46 -0.91
C ILE B 47 -15.81 21.67 -0.64
N GLY B 48 -16.83 21.83 -1.48
CA GLY B 48 -17.75 22.96 -1.33
C GLY B 48 -17.73 23.94 -2.49
N GLU B 49 -17.00 23.61 -3.55
CA GLU B 49 -16.98 24.46 -4.72
C GLU B 49 -16.64 25.89 -4.29
N ARG B 50 -15.60 26.01 -3.49
CA ARG B 50 -15.08 27.30 -3.12
C ARG B 50 -13.59 27.15 -2.79
N THR B 51 -12.92 28.29 -2.70
CA THR B 51 -11.52 28.31 -2.34
C THR B 51 -11.43 28.19 -0.82
N ILE B 52 -11.12 27.01 -0.32
CA ILE B 52 -11.05 26.82 1.15
C ILE B 52 -9.78 27.40 1.78
N GLU B 53 -9.75 27.52 3.10
CA GLU B 53 -8.67 28.26 3.74
C GLU B 53 -7.33 27.56 3.54
N PRO B 54 -7.30 26.22 3.62
CA PRO B 54 -6.07 25.52 3.27
C PRO B 54 -5.55 25.88 1.87
N ALA B 55 -6.49 26.08 0.97
CA ALA B 55 -6.16 26.49 -0.38
C ALA B 55 -5.59 27.89 -0.47
N GLU B 56 -6.25 28.84 0.18
CA GLU B 56 -5.78 30.18 0.27
C GLU B 56 -4.36 30.26 0.85
N ARG B 57 -4.10 29.38 1.82
CA ARG B 57 -2.87 29.42 2.60
C ARG B 57 -1.72 28.92 1.72
N ALA B 58 -2.03 27.94 0.87
CA ALA B 58 -1.10 27.40 -0.13
C ALA B 58 -0.81 28.39 -1.22
N MET B 59 -1.83 29.13 -1.63
CA MET B 59 -1.68 30.07 -2.70
C MET B 59 -0.86 31.27 -2.28
N ARG B 60 -0.87 31.61 -0.99
CA ARG B 60 -0.09 32.76 -0.54
C ARG B 60 1.36 32.34 -0.61
N ALA B 61 1.61 31.18 -0.01
CA ALA B 61 2.95 30.63 0.02
C ALA B 61 3.47 30.44 -1.41
N ALA B 62 2.63 29.92 -2.29
CA ALA B 62 3.05 29.69 -3.70
C ALA B 62 3.38 30.99 -4.43
N VAL B 63 2.56 32.03 -4.23
CA VAL B 63 2.79 33.34 -4.84
C VAL B 63 4.06 34.01 -4.30
N ALA B 64 4.34 33.81 -3.03
CA ALA B 64 5.58 34.27 -2.48
C ALA B 64 6.77 33.54 -3.17
N LYS B 65 6.69 32.22 -3.27
CA LYS B 65 7.82 31.43 -3.79
C LYS B 65 8.05 31.81 -5.28
N LEU B 66 6.96 32.08 -5.98
CA LEU B 66 7.03 32.41 -7.40
C LEU B 66 7.59 33.78 -7.62
N LEU B 67 7.28 34.71 -6.73
CA LEU B 67 7.77 36.07 -6.85
C LEU B 67 9.26 36.15 -6.52
N LEU B 68 9.72 35.25 -5.67
CA LEU B 68 11.14 35.18 -5.32
C LEU B 68 11.95 34.27 -6.24
N ALA B 69 11.26 33.52 -7.11
CA ALA B 69 11.96 32.56 -8.00
C ALA B 69 12.93 33.25 -8.97
N GLU B 70 13.94 32.50 -9.41
CA GLU B 70 14.87 32.98 -10.45
C GLU B 70 14.27 32.81 -11.85
N ASN B 71 13.64 31.67 -12.08
CA ASN B 71 13.14 31.28 -13.38
C ASN B 71 11.78 30.59 -13.29
N PRO B 72 10.76 31.33 -12.82
CA PRO B 72 9.52 30.63 -12.61
C PRO B 72 8.83 30.28 -13.93
N VAL B 73 8.25 29.09 -14.02
CA VAL B 73 7.44 28.72 -15.18
C VAL B 73 6.03 28.25 -14.79
N VAL B 74 5.04 28.71 -15.55
CA VAL B 74 3.69 28.17 -15.49
C VAL B 74 3.45 27.22 -16.63
N SER B 75 3.16 25.96 -16.28
CA SER B 75 2.84 24.95 -17.26
C SER B 75 1.39 25.07 -17.71
N VAL B 76 1.17 24.79 -18.99
CA VAL B 76 -0.16 24.79 -19.59
C VAL B 76 -0.42 23.45 -20.29
N ASN B 77 -1.58 22.87 -20.02
CA ASN B 77 -2.10 21.75 -20.80
C ASN B 77 -3.46 22.07 -21.39
N GLY B 78 -4.12 21.05 -21.94
CA GLY B 78 -5.33 21.26 -22.74
C GLY B 78 -6.55 21.54 -21.90
N ASN B 79 -6.52 21.08 -20.65
CA ASN B 79 -7.54 21.44 -19.68
C ASN B 79 -7.49 22.91 -19.31
N VAL B 80 -6.31 23.36 -18.91
CA VAL B 80 -6.04 24.78 -18.72
C VAL B 80 -6.48 25.60 -19.93
N ALA B 81 -6.01 25.25 -21.10
CA ALA B 81 -6.33 26.04 -22.30
C ALA B 81 -7.84 26.12 -22.50
N ALA B 82 -8.54 25.02 -22.22
CA ALA B 82 -10.00 24.98 -22.38
C ALA B 82 -10.74 25.83 -21.36
N LEU B 83 -10.23 25.88 -20.13
CA LEU B 83 -10.99 26.46 -19.02
C LEU B 83 -10.56 27.89 -18.67
N VAL B 84 -9.26 28.16 -18.68
CA VAL B 84 -8.75 29.41 -18.14
C VAL B 84 -7.60 29.98 -18.98
N PRO B 85 -7.83 30.14 -20.28
CA PRO B 85 -6.76 30.62 -21.13
C PRO B 85 -6.33 32.04 -20.77
N LYS B 86 -7.30 32.92 -20.59
CA LYS B 86 -6.99 34.30 -20.33
C LYS B 86 -6.36 34.43 -18.94
N GLU B 87 -6.94 33.76 -17.96
CA GLU B 87 -6.44 33.85 -16.58
C GLU B 87 -5.01 33.34 -16.43
N THR B 88 -4.64 32.30 -17.17
CA THR B 88 -3.30 31.74 -17.04
C THR B 88 -2.23 32.68 -17.61
N ILE B 89 -2.61 33.44 -18.63
CA ILE B 89 -1.73 34.45 -19.20
C ILE B 89 -1.62 35.63 -18.26
N GLU B 90 -2.74 36.03 -17.70
CA GLU B 90 -2.73 37.03 -16.65
C GLU B 90 -1.86 36.62 -15.48
N LEU B 91 -1.93 35.36 -15.08
CA LEU B 91 -1.13 34.93 -13.93
C LEU B 91 0.37 35.02 -14.27
N ALA B 92 0.74 34.53 -15.44
CA ALA B 92 2.13 34.51 -15.87
C ALA B 92 2.66 35.94 -15.94
N ARG B 93 1.83 36.83 -16.48
CA ARG B 93 2.23 38.21 -16.64
C ARG B 93 2.42 38.84 -15.28
N ALA B 94 1.48 38.60 -14.37
CA ALA B 94 1.60 39.17 -13.03
C ALA B 94 2.87 38.70 -12.33
N LEU B 95 3.26 37.44 -12.55
CA LEU B 95 4.40 36.86 -11.83
C LEU B 95 5.73 37.19 -12.52
N ASN B 96 5.64 37.68 -13.75
CA ASN B 96 6.73 37.57 -14.71
C ASN B 96 7.30 36.17 -14.83
N ALA B 97 6.43 35.21 -15.11
CA ALA B 97 6.86 33.85 -15.27
C ALA B 97 6.75 33.52 -16.74
N LYS B 98 7.46 32.49 -17.18
CA LYS B 98 7.28 32.02 -18.54
C LYS B 98 6.16 30.99 -18.63
N LEU B 99 5.50 30.95 -19.79
CA LEU B 99 4.40 30.03 -20.05
C LEU B 99 4.90 28.91 -20.96
N GLU B 100 4.75 27.67 -20.50
CA GLU B 100 5.19 26.51 -21.27
C GLU B 100 4.05 25.53 -21.47
N ILE B 101 3.75 25.24 -22.72
CA ILE B 101 2.88 24.11 -23.06
C ILE B 101 3.56 22.78 -22.75
N ASN B 102 2.84 21.88 -22.09
CA ASN B 102 3.44 20.71 -21.49
C ASN B 102 2.36 19.68 -21.23
N LEU B 103 2.21 18.74 -22.15
CA LEU B 103 1.08 17.79 -22.12
C LEU B 103 1.59 16.36 -21.92
N PHE B 104 0.69 15.47 -21.50
CA PHE B 104 1.02 14.05 -21.47
C PHE B 104 0.95 13.42 -22.86
N TYR B 105 -0.19 13.61 -23.53
CA TYR B 105 -0.35 13.12 -24.90
C TYR B 105 -0.14 14.24 -25.90
N ARG B 106 1.12 14.45 -26.29
CA ARG B 106 1.51 15.57 -27.15
C ARG B 106 1.08 15.35 -28.59
N THR B 107 1.01 16.43 -29.36
CA THR B 107 0.57 16.36 -30.74
C THR B 107 0.60 17.74 -31.36
N GLU B 108 1.55 17.98 -32.26
CA GLU B 108 1.67 19.30 -32.87
C GLU B 108 0.28 19.87 -33.15
N ASP B 109 -0.69 18.98 -33.40
CA ASP B 109 -2.08 19.39 -33.60
C ASP B 109 -2.67 19.93 -32.30
N ARG B 110 -2.49 19.19 -31.22
CA ARG B 110 -2.96 19.63 -29.91
C ARG B 110 -2.19 20.87 -29.46
N VAL B 111 -0.86 20.85 -29.67
CA VAL B 111 0.01 21.95 -29.27
C VAL B 111 -0.36 23.22 -30.01
N LYS B 112 -0.83 23.06 -31.24
CA LYS B 112 -1.13 24.18 -32.12
C LYS B 112 -2.48 24.77 -31.73
N ALA B 113 -3.45 23.90 -31.45
CA ALA B 113 -4.74 24.36 -30.95
C ALA B 113 -4.54 25.17 -29.68
N ILE B 114 -3.71 24.66 -28.77
CA ILE B 114 -3.51 25.32 -27.48
C ILE B 114 -2.85 26.68 -27.69
N ALA B 115 -1.77 26.68 -28.46
CA ALA B 115 -1.06 27.92 -28.78
C ALA B 115 -2.00 28.94 -29.42
N GLU B 116 -2.80 28.50 -30.38
CA GLU B 116 -3.74 29.40 -31.03
C GLU B 116 -4.73 30.00 -30.03
N GLU B 117 -5.17 29.18 -29.06
CA GLU B 117 -6.20 29.63 -28.13
C GLU B 117 -5.65 30.71 -27.21
N LEU B 118 -4.41 30.52 -26.77
CA LEU B 118 -3.77 31.46 -25.90
C LEU B 118 -3.52 32.80 -26.63
N ARG B 119 -3.19 32.75 -27.92
CA ARG B 119 -2.97 33.99 -28.67
C ARG B 119 -4.24 34.84 -28.81
N LYS B 120 -5.38 34.19 -28.93
CA LYS B 120 -6.65 34.89 -28.90
C LYS B 120 -6.62 35.95 -27.82
N TYR B 121 -5.85 35.71 -26.77
CA TYR B 121 -5.94 36.52 -25.57
C TYR B 121 -4.71 37.39 -25.41
N ASP B 122 -3.65 37.03 -26.13
CA ASP B 122 -2.42 37.80 -26.10
C ASP B 122 -1.56 37.42 -27.30
N PRO B 123 -1.72 38.16 -28.41
CA PRO B 123 -1.09 37.85 -29.69
C PRO B 123 0.43 37.81 -29.58
N GLU B 124 0.99 38.65 -28.71
CA GLU B 124 2.43 38.82 -28.62
C GLU B 124 3.07 37.81 -27.66
N ILE B 125 2.25 36.98 -27.03
CA ILE B 125 2.70 36.14 -25.92
C ILE B 125 3.80 35.16 -26.32
N GLU B 126 4.90 35.18 -25.60
CA GLU B 126 5.95 34.18 -25.78
C GLU B 126 5.53 32.84 -25.15
N LEU B 127 5.48 31.81 -25.98
CA LEU B 127 5.13 30.48 -25.53
C LEU B 127 6.29 29.52 -25.68
N LEU B 128 6.61 28.81 -24.60
CA LEU B 128 7.60 27.74 -24.65
C LEU B 128 6.92 26.39 -24.87
N GLY B 129 7.73 25.37 -25.14
CA GLY B 129 7.21 24.01 -25.34
C GLY B 129 6.56 23.77 -26.70
N ILE B 130 6.77 24.66 -27.65
CA ILE B 130 6.36 24.40 -29.04
C ILE B 130 7.21 23.29 -29.67
N ASN B 131 8.53 23.49 -29.69
CA ASN B 131 9.46 22.43 -30.06
C ASN B 131 10.50 22.22 -28.96
N PRO B 132 10.20 21.34 -27.99
CA PRO B 132 11.01 21.10 -26.79
C PRO B 132 12.12 20.07 -26.98
N THR B 133 13.36 20.45 -26.66
CA THR B 133 14.49 19.55 -26.87
C THR B 133 14.75 18.65 -25.66
N LYS B 134 14.90 19.26 -24.49
CA LYS B 134 15.43 18.56 -23.32
C LYS B 134 14.42 17.61 -22.71
N ARG B 135 14.85 16.83 -21.72
CA ARG B 135 14.03 15.73 -21.19
C ARG B 135 14.19 15.56 -19.67
N ILE B 136 13.13 15.11 -19.03
CA ILE B 136 13.14 14.84 -17.60
C ILE B 136 13.63 13.42 -17.35
N PRO B 137 14.72 13.28 -16.62
CA PRO B 137 15.18 11.95 -16.22
C PRO B 137 14.11 11.14 -15.50
N GLY B 138 13.59 10.11 -16.17
CA GLY B 138 12.87 9.03 -15.50
C GLY B 138 11.51 8.79 -16.12
N LEU B 139 11.22 9.51 -17.19
CA LEU B 139 9.88 9.53 -17.77
C LEU B 139 9.86 8.84 -19.13
N GLU B 140 8.66 8.55 -19.63
CA GLU B 140 8.43 7.36 -20.45
C GLU B 140 9.60 7.07 -21.40
N HIS B 141 10.04 8.06 -22.17
CA HIS B 141 9.27 9.26 -22.47
C HIS B 141 8.37 9.01 -23.69
N GLU B 142 8.09 10.06 -24.48
CA GLU B 142 8.66 11.39 -24.25
C GLU B 142 7.58 12.35 -23.75
N ARG B 143 6.66 11.84 -22.95
CA ARG B 143 5.84 12.67 -22.09
C ARG B 143 6.64 13.20 -20.90
N GLY B 144 7.96 13.08 -20.99
CA GLY B 144 8.86 13.79 -20.08
C GLY B 144 9.73 14.79 -20.81
N LYS B 145 9.22 15.33 -21.91
CA LYS B 145 9.97 16.27 -22.70
C LYS B 145 9.66 17.70 -22.28
N VAL B 146 10.72 18.49 -22.06
CA VAL B 146 10.55 19.90 -21.71
C VAL B 146 11.37 20.81 -22.60
N ASP B 147 11.12 22.10 -22.51
CA ASP B 147 11.84 23.11 -23.26
C ASP B 147 13.05 23.61 -22.47
N GLU B 148 14.17 23.83 -23.15
CA GLU B 148 15.44 24.04 -22.46
C GLU B 148 15.51 25.43 -21.86
N ASN B 149 14.65 26.33 -22.33
CA ASN B 149 14.56 27.69 -21.77
C ASN B 149 13.42 27.88 -20.76
N GLY B 150 12.64 26.83 -20.51
CA GLY B 150 11.55 26.87 -19.52
C GLY B 150 11.81 25.96 -18.35
N ILE B 151 11.10 24.83 -18.31
CA ILE B 151 11.12 23.94 -17.16
C ILE B 151 12.50 23.32 -16.90
N TRP B 152 13.26 23.08 -17.95
CA TRP B 152 14.64 22.59 -17.83
C TRP B 152 15.43 23.56 -16.97
N LYS B 153 15.23 24.85 -17.22
CA LYS B 153 15.98 25.90 -16.57
C LYS B 153 15.34 26.27 -15.20
N ALA B 154 14.08 25.90 -15.00
CA ALA B 154 13.24 26.46 -13.92
C ALA B 154 13.73 26.03 -12.54
N ASP B 155 13.66 26.94 -11.57
CA ASP B 155 13.74 26.57 -10.15
C ASP B 155 12.37 26.33 -9.52
N VAL B 156 11.33 26.98 -10.03
CA VAL B 156 9.97 26.85 -9.49
C VAL B 156 9.00 26.71 -10.65
N VAL B 157 8.21 25.64 -10.64
CA VAL B 157 7.22 25.41 -11.66
C VAL B 157 5.85 25.14 -11.08
N VAL B 158 4.84 25.70 -11.76
CA VAL B 158 3.47 25.45 -11.40
C VAL B 158 2.90 24.48 -12.39
N VAL B 159 2.44 23.35 -11.91
CA VAL B 159 1.80 22.36 -12.79
C VAL B 159 0.36 22.09 -12.41
N PRO B 160 -0.57 22.52 -13.26
CA PRO B 160 -1.98 22.23 -13.07
C PRO B 160 -2.30 20.78 -13.36
N LEU B 161 -3.12 20.18 -12.51
CA LEU B 161 -3.85 18.95 -12.86
C LEU B 161 -2.87 17.93 -13.40
N GLU B 162 -1.83 17.62 -12.63
CA GLU B 162 -0.71 16.86 -13.16
C GLU B 162 -1.00 15.37 -13.08
N ASP B 163 -0.36 14.61 -13.98
CA ASP B 163 -0.15 13.18 -13.80
C ASP B 163 0.94 12.93 -12.75
N GLY B 164 0.86 11.78 -12.10
CA GLY B 164 1.57 11.56 -10.86
C GLY B 164 3.07 11.55 -11.05
N ASP B 165 3.51 10.94 -12.15
CA ASP B 165 4.92 10.60 -12.31
C ASP B 165 5.73 11.87 -12.52
N ARG B 166 5.16 12.82 -13.28
CA ARG B 166 5.88 14.02 -13.70
C ARG B 166 6.22 14.90 -12.51
N THR B 167 5.26 15.11 -11.61
CA THR B 167 5.52 15.91 -10.43
C THR B 167 6.74 15.34 -9.69
N GLU B 168 6.72 14.03 -9.43
CA GLU B 168 7.75 13.38 -8.63
C GLU B 168 9.08 13.46 -9.35
N ALA B 169 9.03 13.36 -10.68
CA ALA B 169 10.23 13.38 -11.49
C ALA B 169 10.88 14.75 -11.43
N LEU B 170 10.07 15.80 -11.55
CA LEU B 170 10.61 17.16 -11.50
C LEU B 170 11.24 17.43 -10.13
N VAL B 171 10.56 16.96 -9.08
CA VAL B 171 11.12 17.13 -7.76
C VAL B 171 12.48 16.45 -7.67
N ARG B 172 12.60 15.26 -8.25
CA ARG B 172 13.84 14.50 -8.17
C ARG B 172 14.93 15.17 -9.01
N MET B 173 14.52 15.97 -9.98
CA MET B 173 15.42 16.92 -10.64
C MET B 173 15.93 18.06 -9.75
N GLY B 174 15.24 18.35 -8.65
CA GLY B 174 15.58 19.51 -7.83
C GLY B 174 14.72 20.72 -8.15
N LYS B 175 13.67 20.52 -8.92
CA LYS B 175 12.67 21.57 -9.16
C LYS B 175 11.68 21.64 -7.97
N PHE B 176 11.39 22.86 -7.52
CA PHE B 176 10.31 23.12 -6.54
C PHE B 176 8.98 23.19 -7.27
N VAL B 177 8.09 22.27 -6.96
CA VAL B 177 6.89 22.08 -7.76
C VAL B 177 5.65 22.47 -7.00
N ILE B 178 4.89 23.37 -7.60
CA ILE B 178 3.61 23.79 -7.06
C ILE B 178 2.53 23.23 -7.95
N THR B 179 1.59 22.51 -7.35
CA THR B 179 0.48 21.96 -8.11
C THR B 179 -0.87 22.50 -7.67
N ILE B 180 -1.74 22.65 -8.67
CA ILE B 180 -3.16 22.93 -8.46
C ILE B 180 -4.00 21.73 -8.86
N ASP B 181 -4.63 21.10 -7.87
CA ASP B 181 -5.19 19.75 -8.02
C ASP B 181 -6.28 19.58 -6.95
N LEU B 182 -7.51 19.35 -7.39
CA LEU B 182 -8.61 19.05 -6.48
C LEU B 182 -8.52 17.74 -5.74
N ASN B 183 -7.63 16.85 -6.19
CA ASN B 183 -7.49 15.54 -5.59
C ASN B 183 -6.29 15.50 -4.64
N PRO B 184 -6.56 15.63 -3.34
CA PRO B 184 -5.48 15.61 -2.39
C PRO B 184 -4.85 14.24 -2.23
N LEU B 185 -5.49 13.20 -2.77
CA LEU B 185 -5.03 11.81 -2.58
C LEU B 185 -4.21 11.33 -3.75
N SER B 186 -4.08 12.17 -4.77
CA SER B 186 -3.25 11.81 -5.93
C SER B 186 -1.80 11.74 -5.52
N ARG B 187 -1.01 10.93 -6.21
CA ARG B 187 0.41 10.85 -5.91
C ARG B 187 1.09 12.20 -6.14
N SER B 188 0.66 12.87 -7.21
CA SER B 188 1.16 14.18 -7.55
C SER B 188 0.90 15.20 -6.43
N ALA B 189 -0.29 15.16 -5.87
CA ALA B 189 -0.66 16.09 -4.79
C ALA B 189 0.16 15.84 -3.51
N ARG B 190 0.51 14.58 -3.24
CA ARG B 190 1.35 14.19 -2.09
C ARG B 190 2.84 14.48 -2.28
N MET B 191 3.28 14.55 -3.53
CA MET B 191 4.70 14.70 -3.83
C MET B 191 5.08 16.13 -4.14
N ALA B 192 4.12 16.98 -4.46
CA ALA B 192 4.43 18.39 -4.74
C ALA B 192 5.03 19.05 -3.51
N ASP B 193 5.73 20.15 -3.74
CA ASP B 193 6.24 20.97 -2.64
C ASP B 193 5.14 21.82 -2.05
N ILE B 194 4.32 22.44 -2.90
CA ILE B 194 3.11 23.12 -2.43
C ILE B 194 1.92 22.63 -3.23
N THR B 195 0.87 22.25 -2.51
CA THR B 195 -0.27 21.61 -3.12
C THR B 195 -1.47 22.49 -2.90
N ILE B 196 -1.97 23.09 -3.96
CA ILE B 196 -3.14 23.94 -3.85
C ILE B 196 -4.40 23.15 -4.24
N VAL B 197 -5.22 22.78 -3.26
CA VAL B 197 -6.42 21.99 -3.51
C VAL B 197 -7.59 22.92 -3.80
N ASP B 198 -7.78 23.23 -5.07
CA ASP B 198 -8.78 24.24 -5.47
C ASP B 198 -8.95 24.11 -6.97
N ASN B 199 -10.14 24.45 -7.43
CA ASN B 199 -10.46 24.40 -8.86
C ASN B 199 -9.64 25.44 -9.59
N ILE B 200 -9.00 25.05 -10.69
CA ILE B 200 -8.19 25.97 -11.39
C ILE B 200 -8.98 27.22 -11.77
N VAL B 201 -10.27 27.05 -11.99
CA VAL B 201 -11.08 28.18 -12.43
C VAL B 201 -11.11 29.28 -11.38
N ARG B 202 -10.88 28.89 -10.13
CA ARG B 202 -10.82 29.86 -9.05
C ARG B 202 -9.37 30.22 -8.73
N ALA B 203 -8.50 29.21 -8.73
CA ALA B 203 -7.14 29.34 -8.23
C ALA B 203 -6.34 30.38 -9.03
N TYR B 204 -6.42 30.32 -10.35
CA TYR B 204 -5.66 31.23 -11.20
C TYR B 204 -5.99 32.72 -11.01
N PRO B 205 -7.28 33.09 -11.11
CA PRO B 205 -7.64 34.48 -10.80
C PRO B 205 -7.23 34.90 -9.41
N ARG B 206 -7.38 33.99 -8.45
CA ARG B 206 -6.97 34.32 -7.09
C ARG B 206 -5.45 34.49 -7.00
N MET B 207 -4.69 33.61 -7.64
CA MET B 207 -3.24 33.76 -7.59
C MET B 207 -2.78 35.02 -8.30
N THR B 208 -3.55 35.43 -9.31
CA THR B 208 -3.31 36.70 -9.95
C THR B 208 -3.54 37.88 -9.02
N GLU B 209 -4.64 37.87 -8.25
CA GLU B 209 -4.91 38.96 -7.32
C GLU B 209 -3.83 38.97 -6.25
N LEU B 210 -3.47 37.79 -5.77
CA LEU B 210 -2.44 37.69 -4.76
C LEU B 210 -1.13 38.27 -5.28
N ALA B 211 -0.77 37.98 -6.54
CA ALA B 211 0.52 38.43 -7.05
C ALA B 211 0.51 39.95 -7.22
N ARG B 212 -0.64 40.51 -7.53
CA ARG B 212 -0.77 41.93 -7.71
C ARG B 212 -0.64 42.67 -6.38
N GLU B 213 -1.10 42.03 -5.31
CA GLU B 213 -0.91 42.56 -3.96
C GLU B 213 0.53 42.33 -3.45
N MET B 214 1.02 41.11 -3.62
CA MET B 214 2.28 40.73 -3.01
C MET B 214 3.53 41.23 -3.76
N LYS B 215 3.34 41.72 -4.97
CA LYS B 215 4.40 42.44 -5.65
C LYS B 215 4.97 43.57 -4.81
N ASP B 216 4.16 44.15 -3.92
CA ASP B 216 4.60 45.27 -3.09
C ASP B 216 5.18 44.81 -1.76
N TYR B 217 5.22 43.51 -1.55
CA TYR B 217 5.83 42.98 -0.35
C TYR B 217 7.35 42.99 -0.47
N SER B 218 8.00 43.30 0.66
CA SER B 218 9.45 43.23 0.72
C SER B 218 9.89 41.79 0.63
N ARG B 219 11.18 41.57 0.40
CA ARG B 219 11.69 40.22 0.38
C ARG B 219 11.46 39.54 1.72
N GLY B 220 11.79 40.26 2.79
CA GLY B 220 11.59 39.76 4.15
C GLY B 220 10.21 39.20 4.35
N GLU B 221 9.20 39.96 3.94
CA GLU B 221 7.81 39.55 4.12
C GLU B 221 7.53 38.26 3.37
N LEU B 222 8.00 38.19 2.13
CA LEU B 222 7.74 37.03 1.30
C LEU B 222 8.40 35.80 1.90
N ILE B 223 9.64 35.97 2.35
CA ILE B 223 10.38 34.87 2.87
C ILE B 223 9.71 34.33 4.14
N ARG B 224 9.08 35.22 4.90
CA ARG B 224 8.40 34.82 6.15
C ARG B 224 7.19 33.95 5.82
N ILE B 225 6.45 34.34 4.77
CA ILE B 225 5.36 33.52 4.30
C ILE B 225 5.82 32.13 3.86
N ILE B 226 6.92 32.09 3.10
CA ILE B 226 7.36 30.81 2.57
C ILE B 226 7.83 29.89 3.72
N GLU B 227 8.62 30.46 4.64
CA GLU B 227 9.21 29.69 5.75
C GLU B 227 8.21 29.18 6.77
N GLU B 228 7.08 29.86 6.88
CA GLU B 228 6.05 29.43 7.80
C GLU B 228 5.22 28.28 7.19
N TYR B 229 5.33 28.04 5.89
CA TYR B 229 4.35 27.18 5.20
C TYR B 229 4.72 25.71 5.34
N ASP B 230 3.72 24.90 5.64
CA ASP B 230 3.93 23.47 5.84
C ASP B 230 2.91 22.75 4.98
N ASN B 231 3.39 22.10 3.92
CA ASN B 231 2.50 21.45 2.96
C ASN B 231 1.92 20.18 3.53
N GLY B 232 2.58 19.59 4.53
CA GLY B 232 2.03 18.42 5.19
C GLY B 232 0.79 18.71 6.02
N LYS B 233 0.83 19.79 6.78
CA LYS B 233 -0.32 20.17 7.60
C LYS B 233 -1.45 20.66 6.72
N THR B 234 -1.09 21.23 5.59
CA THR B 234 -2.09 21.72 4.67
C THR B 234 -2.88 20.56 4.04
N LEU B 235 -2.18 19.52 3.62
CA LEU B 235 -2.83 18.33 3.10
C LEU B 235 -3.70 17.64 4.16
N ASN B 236 -3.13 17.47 5.34
CA ASN B 236 -3.91 16.86 6.41
C ASN B 236 -5.18 17.64 6.65
N ASP B 237 -5.07 18.97 6.63
CA ASP B 237 -6.22 19.83 6.90
C ASP B 237 -7.28 19.67 5.82
N VAL B 238 -6.84 19.49 4.58
CA VAL B 238 -7.78 19.28 3.50
C VAL B 238 -8.54 17.96 3.67
N LEU B 239 -7.83 16.88 3.96
CA LEU B 239 -8.49 15.62 4.21
C LEU B 239 -9.56 15.76 5.31
N LEU B 240 -9.22 16.46 6.39
CA LEU B 240 -10.16 16.61 7.54
C LEU B 240 -11.35 17.48 7.19
N HIS B 241 -11.12 18.44 6.31
CA HIS B 241 -12.20 19.26 5.80
C HIS B 241 -13.19 18.43 4.98
N ILE B 242 -12.69 17.66 4.02
CA ILE B 242 -13.55 16.72 3.29
C ILE B 242 -14.29 15.77 4.26
N ARG B 243 -13.57 15.22 5.23
CA ARG B 243 -14.22 14.37 6.20
C ARG B 243 -15.41 15.07 6.82
N ASP B 244 -15.22 16.32 7.22
CA ASP B 244 -16.24 17.01 8.00
C ASP B 244 -17.34 17.40 7.05
N ARG B 245 -17.02 17.57 5.78
CA ARG B 245 -18.07 17.88 4.84
C ARG B 245 -18.94 16.66 4.54
N LEU B 246 -18.36 15.48 4.71
CA LEU B 246 -19.11 14.24 4.44
C LEU B 246 -20.11 14.04 5.58
N THR B 247 -19.68 14.29 6.81
CA THR B 247 -20.58 14.08 7.94
C THR B 247 -21.57 15.23 8.08
N LYS B 248 -21.60 16.12 7.09
CA LYS B 248 -22.64 17.14 7.04
C LYS B 248 -23.59 16.91 5.87
N LEU B 249 -23.06 16.58 4.70
CA LEU B 249 -23.88 16.11 3.58
C LEU B 249 -24.69 14.86 3.92
N ALA B 250 -24.18 14.03 4.83
CA ALA B 250 -24.89 12.81 5.25
C ALA B 250 -26.08 13.12 6.12
N GLU B 251 -25.89 14.01 7.09
CA GLU B 251 -26.72 14.00 8.29
C GLU B 251 -28.15 14.40 7.96
N GLY B 252 -29.10 13.80 8.68
CA GLY B 252 -30.43 13.52 8.14
C GLY B 252 -30.56 12.06 7.77
N GLY B 253 -29.42 11.41 7.55
CA GLY B 253 -29.36 10.18 6.76
C GLY B 253 -29.33 10.45 5.27
N ILE B 254 -28.78 9.50 4.51
CA ILE B 254 -28.56 9.68 3.10
C ILE B 254 -29.73 9.12 2.28
N TRP B 255 -30.15 7.90 2.64
CA TRP B 255 -30.95 7.08 1.74
C TRP B 255 -32.37 7.64 1.66
N ARG B 256 -32.87 7.81 0.45
CA ARG B 256 -34.11 8.53 0.24
C ARG B 256 -34.13 9.80 1.12
N LYS B 257 -33.59 10.91 0.63
CA LYS B 257 -33.27 11.06 -0.79
C LYS B 257 -32.66 12.43 -1.17
N LYS B 258 -33.24 13.52 -0.65
CA LYS B 258 -33.04 14.86 -1.24
C LYS B 258 -32.79 14.78 -2.75
N PRO C 9 12.25 -14.13 30.75
CA PRO C 9 12.56 -15.32 29.97
C PRO C 9 13.10 -14.98 28.59
N ARG C 10 12.47 -14.00 27.95
CA ARG C 10 12.88 -13.52 26.62
C ARG C 10 12.66 -12.01 26.56
N TYR C 11 12.99 -11.35 27.65
CA TYR C 11 12.45 -10.03 27.96
C TYR C 11 12.92 -9.03 26.91
N TRP C 12 14.21 -9.08 26.61
CA TRP C 12 14.85 -8.03 25.83
C TRP C 12 14.43 -8.09 24.37
N SER C 13 14.19 -9.30 23.87
CA SER C 13 13.60 -9.47 22.54
C SER C 13 12.28 -8.71 22.42
N LEU C 14 11.37 -8.95 23.35
CA LEU C 14 10.05 -8.34 23.30
C LEU C 14 10.14 -6.83 23.49
N TYR C 15 10.99 -6.44 24.42
CA TYR C 15 11.23 -5.02 24.71
C TYR C 15 11.55 -4.25 23.44
N TYR C 16 12.46 -4.77 22.63
CA TYR C 16 12.91 -4.02 21.46
C TYR C 16 11.94 -4.13 20.29
N ARG C 17 11.12 -5.17 20.29
CA ARG C 17 9.94 -5.21 19.44
C ARG C 17 8.98 -4.07 19.77
N GLU C 18 8.65 -3.90 21.05
CA GLU C 18 7.87 -2.73 21.49
C GLU C 18 8.51 -1.46 20.97
N LYS C 19 9.79 -1.28 21.28
CA LYS C 19 10.50 -0.07 20.88
C LYS C 19 10.45 0.18 19.38
N ILE C 20 10.59 -0.87 18.58
CA ILE C 20 10.55 -0.66 17.12
C ILE C 20 9.12 -0.34 16.65
N ILE C 21 8.12 -0.84 17.37
CA ILE C 21 6.73 -0.56 17.06
C ILE C 21 6.36 0.88 17.45
N GLU C 22 6.68 1.25 18.70
CA GLU C 22 6.61 2.64 19.13
C GLU C 22 7.27 3.54 18.12
N GLY C 23 8.41 3.10 17.57
CA GLY C 23 9.14 3.89 16.59
C GLY C 23 8.33 4.19 15.35
N MET C 24 7.64 3.17 14.85
CA MET C 24 6.66 3.35 13.79
C MET C 24 5.51 4.25 14.27
N GLU C 25 5.05 4.03 15.48
CA GLU C 25 4.00 4.88 16.02
C GLU C 25 4.41 6.36 16.07
N LYS C 26 5.68 6.62 16.35
CA LYS C 26 6.16 8.00 16.43
C LYS C 26 6.62 8.53 15.07
N GLY C 27 6.35 7.77 14.02
CA GLY C 27 6.75 8.18 12.66
C GLY C 27 8.24 8.21 12.42
N MET C 28 9.01 7.59 13.32
CA MET C 28 10.45 7.44 13.11
C MET C 28 10.76 6.35 12.08
N THR C 29 10.07 5.22 12.18
CA THR C 29 10.47 4.03 11.43
C THR C 29 9.36 3.55 10.49
N ALA C 30 9.76 3.22 9.26
CA ALA C 30 8.83 2.84 8.23
C ALA C 30 8.35 1.40 8.46
N LYS C 31 7.34 0.98 7.69
CA LYS C 31 6.81 -0.38 7.78
C LYS C 31 7.90 -1.40 7.45
N ALA C 32 8.69 -1.09 6.44
CA ALA C 32 9.86 -1.89 6.07
C ALA C 32 10.82 -2.08 7.24
N GLY C 33 10.91 -1.08 8.10
CA GLY C 33 11.82 -1.13 9.23
C GLY C 33 11.44 -2.26 10.17
N LEU C 34 10.13 -2.38 10.43
CA LEU C 34 9.59 -3.47 11.23
C LEU C 34 9.97 -4.84 10.66
N ILE C 35 9.98 -4.94 9.34
CA ILE C 35 10.35 -6.18 8.68
C ILE C 35 11.86 -6.39 8.75
N ALA C 36 12.62 -5.30 8.58
CA ALA C 36 14.07 -5.40 8.65
C ALA C 36 14.44 -5.79 10.06
N HIS C 37 13.67 -5.31 11.04
CA HIS C 37 13.97 -5.65 12.42
C HIS C 37 13.81 -7.16 12.59
N GLY C 38 12.79 -7.71 11.94
CA GLY C 38 12.54 -9.16 12.03
C GLY C 38 13.65 -9.96 11.37
N ARG C 39 14.06 -9.55 10.18
CA ARG C 39 15.22 -10.17 9.53
C ARG C 39 16.39 -10.24 10.51
N GLY C 40 16.65 -9.13 11.21
CA GLY C 40 17.80 -9.04 12.10
C GLY C 40 17.71 -10.07 13.21
N GLU C 41 16.50 -10.24 13.72
CA GLU C 41 16.22 -11.15 14.82
C GLU C 41 16.52 -12.61 14.44
N ALA C 42 16.18 -12.98 13.22
CA ALA C 42 16.43 -14.35 12.74
C ALA C 42 17.92 -14.64 12.78
N PHE C 43 18.70 -13.71 12.25
CA PHE C 43 20.15 -13.83 12.27
C PHE C 43 20.70 -13.77 13.69
N ASP C 44 20.03 -13.04 14.59
CA ASP C 44 20.48 -13.00 15.99
C ASP C 44 20.26 -14.38 16.61
N TYR C 45 19.19 -15.06 16.20
CA TYR C 45 18.94 -16.43 16.67
C TYR C 45 20.08 -17.37 16.28
N LEU C 46 20.57 -17.22 15.05
CA LEU C 46 21.64 -18.06 14.57
C LEU C 46 22.91 -17.85 15.35
N ILE C 47 23.22 -16.58 15.59
CA ILE C 47 24.39 -16.19 16.39
C ILE C 47 24.26 -16.60 17.85
N GLY C 48 23.07 -16.48 18.41
CA GLY C 48 22.88 -16.83 19.83
C GLY C 48 22.67 -15.59 20.70
N GLU C 49 22.28 -14.49 20.09
CA GLU C 49 21.80 -13.33 20.82
C GLU C 49 22.82 -12.86 21.87
N ARG C 50 24.02 -12.58 21.40
CA ARG C 50 25.13 -12.25 22.27
C ARG C 50 26.27 -11.73 21.41
N THR C 51 27.14 -10.93 22.02
CA THR C 51 28.29 -10.37 21.35
C THR C 51 29.39 -11.40 21.34
N ILE C 52 29.67 -11.93 20.14
CA ILE C 52 30.68 -12.97 20.01
C ILE C 52 32.05 -12.34 19.75
N GLU C 53 33.11 -13.13 19.88
CA GLU C 53 34.45 -12.58 19.84
C GLU C 53 34.74 -11.89 18.50
N PRO C 54 34.24 -12.44 17.38
CA PRO C 54 34.61 -11.72 16.19
C PRO C 54 33.95 -10.36 16.11
N ALA C 55 32.78 -10.21 16.73
CA ALA C 55 32.15 -8.91 16.85
C ALA C 55 32.97 -7.97 17.77
N GLU C 56 33.45 -8.49 18.90
CA GLU C 56 34.19 -7.65 19.83
C GLU C 56 35.45 -7.19 19.13
N ARG C 57 36.05 -8.11 18.38
CA ARG C 57 37.26 -7.83 17.64
C ARG C 57 37.06 -6.68 16.66
N ALA C 58 35.90 -6.69 16.01
CA ALA C 58 35.62 -5.69 14.99
C ALA C 58 35.32 -4.34 15.64
N MET C 59 34.66 -4.37 16.79
CA MET C 59 34.36 -3.13 17.47
C MET C 59 35.63 -2.43 17.97
N ARG C 60 36.60 -3.22 18.42
CA ARG C 60 37.85 -2.64 18.86
C ARG C 60 38.59 -1.99 17.72
N ALA C 61 38.56 -2.62 16.54
CA ALA C 61 39.21 -2.05 15.36
C ALA C 61 38.49 -0.80 14.90
N ALA C 62 37.16 -0.88 14.85
CA ALA C 62 36.30 0.25 14.54
C ALA C 62 36.53 1.45 15.46
N VAL C 63 36.60 1.22 16.76
CA VAL C 63 36.79 2.33 17.69
C VAL C 63 38.17 2.95 17.49
N ALA C 64 39.19 2.12 17.33
CA ALA C 64 40.52 2.62 17.06
C ALA C 64 40.46 3.51 15.82
N LYS C 65 39.76 3.05 14.79
CA LYS C 65 39.77 3.75 13.52
C LYS C 65 39.01 5.05 13.68
N LEU C 66 37.94 5.01 14.42
CA LEU C 66 37.16 6.21 14.66
C LEU C 66 37.91 7.23 15.53
N LEU C 67 38.71 6.75 16.48
CA LEU C 67 39.48 7.65 17.33
C LEU C 67 40.55 8.40 16.53
N LEU C 68 41.09 7.74 15.53
CA LEU C 68 42.16 8.33 14.73
C LEU C 68 41.63 9.03 13.48
N ALA C 69 40.31 9.13 13.34
CA ALA C 69 39.71 9.72 12.14
C ALA C 69 39.81 11.24 12.17
N GLU C 70 40.01 11.81 10.99
CA GLU C 70 40.02 13.27 10.80
C GLU C 70 38.61 13.83 10.94
N ASN C 71 37.66 13.16 10.32
CA ASN C 71 36.27 13.59 10.34
C ASN C 71 35.31 12.40 10.41
N PRO C 72 35.11 11.86 11.61
CA PRO C 72 34.21 10.72 11.82
C PRO C 72 32.75 11.14 11.85
N VAL C 73 31.89 10.35 11.21
CA VAL C 73 30.46 10.53 11.35
C VAL C 73 29.75 9.21 11.66
N VAL C 74 28.81 9.30 12.58
CA VAL C 74 27.91 8.19 12.87
C VAL C 74 26.52 8.51 12.37
N SER C 75 26.06 7.69 11.43
CA SER C 75 24.81 7.92 10.72
C SER C 75 23.64 7.35 11.51
N VAL C 76 22.50 8.02 11.43
CA VAL C 76 21.33 7.60 12.17
C VAL C 76 20.17 7.45 11.21
N ASN C 77 19.53 6.28 11.25
CA ASN C 77 18.25 6.08 10.58
C ASN C 77 17.14 5.80 11.56
N GLY C 78 15.96 5.51 11.02
CA GLY C 78 14.77 5.33 11.83
C GLY C 78 14.86 4.18 12.81
N ASN C 79 15.52 3.09 12.41
CA ASN C 79 15.59 1.92 13.29
C ASN C 79 16.54 2.16 14.47
N VAL C 80 17.63 2.87 14.19
CA VAL C 80 18.56 3.27 15.24
C VAL C 80 17.89 4.20 16.26
N ALA C 81 17.15 5.18 15.78
CA ALA C 81 16.50 6.15 16.66
C ALA C 81 15.41 5.51 17.52
N ALA C 82 14.77 4.47 16.99
CA ALA C 82 13.74 3.77 17.76
C ALA C 82 14.35 2.94 18.90
N LEU C 83 15.57 2.47 18.67
CA LEU C 83 16.15 1.42 19.49
C LEU C 83 17.18 1.99 20.46
N VAL C 84 18.09 2.83 19.95
CA VAL C 84 19.26 3.25 20.69
C VAL C 84 19.56 4.76 20.60
N PRO C 85 18.52 5.58 20.74
CA PRO C 85 18.74 7.01 20.58
C PRO C 85 19.77 7.58 21.58
N LYS C 86 19.66 7.20 22.85
CA LYS C 86 20.63 7.59 23.88
C LYS C 86 22.03 7.15 23.51
N GLU C 87 22.16 5.89 23.16
CA GLU C 87 23.47 5.27 23.09
C GLU C 87 24.17 5.72 21.82
N THR C 88 23.38 6.08 20.82
CA THR C 88 23.96 6.68 19.63
C THR C 88 24.63 8.03 19.93
N ILE C 89 24.02 8.82 20.80
CA ILE C 89 24.56 10.14 21.14
C ILE C 89 25.81 10.01 22.01
N GLU C 90 25.71 9.22 23.07
CA GLU C 90 26.86 8.88 23.88
C GLU C 90 28.04 8.33 23.06
N LEU C 91 27.76 7.42 22.14
CA LEU C 91 28.81 6.93 21.24
C LEU C 91 29.46 8.08 20.46
N ALA C 92 28.66 8.93 19.82
CA ALA C 92 29.19 10.03 19.01
C ALA C 92 30.05 10.97 19.86
N ARG C 93 29.58 11.27 21.07
CA ARG C 93 30.32 12.11 22.01
C ARG C 93 31.65 11.47 22.41
N ALA C 94 31.58 10.20 22.77
CA ALA C 94 32.78 9.49 23.23
C ALA C 94 33.81 9.42 22.11
N LEU C 95 33.34 9.38 20.87
CA LEU C 95 34.24 9.39 19.72
C LEU C 95 34.56 10.80 19.28
N ASN C 96 33.86 11.76 19.84
CA ASN C 96 33.94 13.10 19.32
C ASN C 96 33.59 13.11 17.81
N ALA C 97 32.45 12.52 17.46
CA ALA C 97 32.06 12.44 16.04
C ALA C 97 30.72 13.14 15.82
N LYS C 98 30.45 13.52 14.57
CA LYS C 98 29.17 14.14 14.23
C LYS C 98 28.07 13.13 13.96
N LEU C 99 26.86 13.49 14.34
CA LEU C 99 25.67 12.69 14.06
C LEU C 99 25.06 13.21 12.76
N GLU C 100 24.74 12.32 11.82
CA GLU C 100 24.00 12.72 10.64
C GLU C 100 22.82 11.79 10.35
N ILE C 101 21.62 12.35 10.34
CA ILE C 101 20.44 11.59 9.97
C ILE C 101 20.47 11.30 8.48
N ASN C 102 20.25 10.04 8.13
CA ASN C 102 20.48 9.56 6.77
C ASN C 102 19.54 8.42 6.47
N LEU C 103 18.64 8.61 5.50
CA LEU C 103 17.52 7.68 5.30
C LEU C 103 17.30 7.38 3.82
N PHE C 104 16.30 6.52 3.57
CA PHE C 104 15.85 6.23 2.22
C PHE C 104 14.36 6.55 2.08
N TYR C 105 13.60 6.24 3.11
CA TYR C 105 12.26 6.82 3.28
C TYR C 105 12.38 8.23 3.84
N ARG C 106 12.99 9.13 3.08
CA ARG C 106 13.34 10.45 3.57
C ARG C 106 12.14 11.38 3.51
N THR C 107 11.60 11.75 4.67
CA THR C 107 10.47 12.64 4.73
C THR C 107 10.58 13.62 5.89
N GLU C 108 10.40 14.90 5.58
CA GLU C 108 10.65 15.97 6.54
C GLU C 108 10.01 15.62 7.88
N ASP C 109 8.85 14.98 7.82
CA ASP C 109 8.16 14.49 9.01
C ASP C 109 8.95 13.38 9.72
N ARG C 110 9.51 12.46 8.93
CA ARG C 110 10.39 11.42 9.44
C ARG C 110 11.68 12.02 10.04
N VAL C 111 12.35 12.88 9.27
CA VAL C 111 13.55 13.56 9.77
C VAL C 111 13.24 14.32 11.07
N LYS C 112 12.03 14.83 11.16
CA LYS C 112 11.58 15.62 12.30
C LYS C 112 11.37 14.75 13.53
N ALA C 113 10.80 13.57 13.34
CA ALA C 113 10.53 12.66 14.46
C ALA C 113 11.84 12.11 15.05
N ILE C 114 12.83 11.94 14.17
CA ILE C 114 14.12 11.38 14.54
C ILE C 114 14.97 12.42 15.29
N ALA C 115 15.01 13.63 14.74
CA ALA C 115 15.56 14.80 15.43
C ALA C 115 14.94 15.03 16.81
N GLU C 116 13.62 14.91 16.90
CA GLU C 116 12.95 15.12 18.17
C GLU C 116 13.29 14.03 19.18
N GLU C 117 13.36 12.78 18.73
CA GLU C 117 13.58 11.70 19.68
C GLU C 117 14.99 11.80 20.24
N LEU C 118 15.92 12.25 19.40
CA LEU C 118 17.32 12.42 19.80
C LEU C 118 17.50 13.62 20.74
N ARG C 119 16.85 14.74 20.40
CA ARG C 119 16.86 15.94 21.25
C ARG C 119 16.31 15.64 22.65
N LYS C 120 15.34 14.74 22.73
CA LYS C 120 14.85 14.31 24.02
C LYS C 120 16.01 13.96 24.96
N TYR C 121 17.13 13.53 24.39
CA TYR C 121 18.24 13.05 25.22
C TYR C 121 19.38 14.05 25.34
N ASP C 122 19.38 15.05 24.46
CA ASP C 122 20.40 16.07 24.46
C ASP C 122 19.95 17.27 23.63
N PRO C 123 19.31 18.26 24.28
CA PRO C 123 18.57 19.28 23.55
C PRO C 123 19.43 20.05 22.55
N GLU C 124 20.72 20.18 22.84
CA GLU C 124 21.61 20.99 22.01
C GLU C 124 22.54 20.12 21.17
N ILE C 125 22.14 18.87 20.96
CA ILE C 125 22.75 18.03 19.93
C ILE C 125 22.70 18.72 18.59
N GLU C 126 23.85 18.84 17.95
CA GLU C 126 23.93 19.29 16.56
C GLU C 126 23.70 18.11 15.61
N LEU C 127 22.67 18.20 14.77
CA LEU C 127 22.31 17.11 13.85
C LEU C 127 22.48 17.54 12.40
N LEU C 128 23.32 16.81 11.67
CA LEU C 128 23.41 17.00 10.23
C LEU C 128 22.33 16.14 9.57
N GLY C 129 22.28 16.19 8.24
CA GLY C 129 21.32 15.40 7.47
C GLY C 129 19.91 15.95 7.41
N ILE C 130 19.66 17.10 8.05
CA ILE C 130 18.46 17.91 7.78
C ILE C 130 18.76 18.90 6.66
N ASN C 131 18.03 18.81 5.57
CA ASN C 131 18.38 19.58 4.37
C ASN C 131 19.77 19.28 3.88
N PRO C 132 20.02 18.02 3.48
CA PRO C 132 21.26 17.65 2.82
C PRO C 132 21.30 18.15 1.38
N THR C 133 22.49 18.50 0.90
CA THR C 133 22.61 19.20 -0.38
C THR C 133 23.60 18.51 -1.31
N LYS C 134 24.33 17.53 -0.81
CA LYS C 134 25.26 16.78 -1.63
C LYS C 134 24.77 15.35 -1.85
N ARG C 135 25.36 14.67 -2.81
CA ARG C 135 24.88 13.34 -3.16
C ARG C 135 26.01 12.40 -3.55
N ILE C 136 25.92 11.18 -3.06
CA ILE C 136 26.88 10.13 -3.36
C ILE C 136 26.72 9.69 -4.81
N PRO C 137 27.85 9.58 -5.55
CA PRO C 137 27.70 9.43 -6.98
C PRO C 137 27.22 8.05 -7.41
N GLY C 138 25.94 7.77 -7.21
CA GLY C 138 25.22 6.80 -8.03
C GLY C 138 24.25 5.93 -7.26
N LEU C 139 22.98 6.35 -7.17
CA LEU C 139 22.53 7.66 -7.63
C LEU C 139 21.06 7.82 -7.21
N GLU C 140 20.16 7.61 -8.17
CA GLU C 140 18.75 7.35 -7.86
C GLU C 140 18.09 8.50 -7.10
N HIS C 141 18.81 9.05 -6.12
CA HIS C 141 18.32 10.17 -5.32
C HIS C 141 17.66 9.66 -4.05
N GLU C 142 17.50 10.55 -3.07
CA GLU C 142 16.86 10.21 -1.80
C GLU C 142 17.72 9.24 -0.99
N ARG C 143 17.86 8.02 -1.52
CA ARG C 143 19.02 7.19 -1.23
C ARG C 143 20.24 8.07 -0.98
N GLY C 144 20.59 8.88 -1.98
CA GLY C 144 21.97 9.32 -2.17
C GLY C 144 22.30 10.65 -1.53
N LYS C 145 21.33 11.25 -0.85
CA LYS C 145 21.53 12.56 -0.22
C LYS C 145 22.43 12.46 1.01
N VAL C 146 23.42 13.34 1.10
CA VAL C 146 24.23 13.46 2.30
C VAL C 146 24.56 14.92 2.62
N ASP C 147 25.03 15.14 3.85
CA ASP C 147 25.29 16.49 4.33
C ASP C 147 26.72 16.91 4.00
N GLU C 148 26.85 18.21 3.79
CA GLU C 148 28.09 18.82 3.33
C GLU C 148 29.14 18.78 4.43
N ASN C 149 28.68 18.97 5.65
CA ASN C 149 29.57 19.06 6.79
C ASN C 149 29.72 17.73 7.50
N GLY C 150 28.88 16.77 7.11
CA GLY C 150 28.95 15.42 7.65
C GLY C 150 29.54 14.47 6.64
N ILE C 151 28.70 13.58 6.10
CA ILE C 151 29.22 12.39 5.44
C ILE C 151 30.00 12.75 4.17
N TRP C 152 29.65 13.89 3.59
CA TRP C 152 30.25 14.33 2.33
C TRP C 152 31.75 14.51 2.51
N LYS C 153 32.14 15.06 3.67
CA LYS C 153 33.56 15.28 3.97
C LYS C 153 34.17 14.27 5.00
N ALA C 154 33.35 13.39 5.55
CA ALA C 154 33.85 12.38 6.49
C ALA C 154 34.86 11.46 5.83
N ASP C 155 35.94 11.15 6.56
CA ASP C 155 36.88 10.13 6.11
C ASP C 155 36.54 8.73 6.65
N VAL C 156 35.85 8.68 7.77
CA VAL C 156 35.40 7.42 8.33
C VAL C 156 33.96 7.59 8.77
N VAL C 157 33.10 6.67 8.38
CA VAL C 157 31.69 6.75 8.70
C VAL C 157 31.19 5.48 9.37
N VAL C 158 30.23 5.63 10.26
CA VAL C 158 29.52 4.48 10.79
C VAL C 158 28.12 4.45 10.24
N VAL C 159 27.79 3.39 9.52
CA VAL C 159 26.45 3.24 8.97
C VAL C 159 25.85 1.93 9.44
N PRO C 160 25.06 2.00 10.52
CA PRO C 160 24.44 0.79 10.99
C PRO C 160 23.25 0.42 10.11
N LEU C 161 22.96 -0.88 10.00
CA LEU C 161 21.67 -1.37 9.49
C LEU C 161 21.40 -0.81 8.10
N GLU C 162 22.43 -0.79 7.27
CA GLU C 162 22.43 0.02 6.06
C GLU C 162 22.20 -0.88 4.85
N ASP C 163 21.58 -0.30 3.82
CA ASP C 163 21.38 -1.00 2.55
C ASP C 163 22.68 -1.04 1.77
N GLY C 164 22.99 -2.20 1.21
CA GLY C 164 24.33 -2.48 0.74
C GLY C 164 24.71 -1.71 -0.51
N ASP C 165 23.73 -1.03 -1.10
CA ASP C 165 24.01 -0.08 -2.18
C ASP C 165 24.75 1.14 -1.64
N ARG C 166 24.27 1.70 -0.53
CA ARG C 166 24.90 2.89 0.05
C ARG C 166 26.27 2.52 0.57
N THR C 167 26.31 1.47 1.38
CA THR C 167 27.56 1.05 1.96
C THR C 167 28.63 1.05 0.88
N GLU C 168 28.30 0.49 -0.27
CA GLU C 168 29.30 0.23 -1.29
C GLU C 168 29.56 1.47 -2.18
N ALA C 169 28.55 2.31 -2.33
CA ALA C 169 28.77 3.64 -2.91
C ALA C 169 29.77 4.45 -2.06
N LEU C 170 29.55 4.48 -0.76
CA LEU C 170 30.39 5.31 0.13
C LEU C 170 31.81 4.81 0.03
N VAL C 171 31.94 3.50 -0.08
CA VAL C 171 33.24 2.88 -0.30
C VAL C 171 33.83 3.26 -1.65
N ARG C 172 32.95 3.48 -2.64
CA ARG C 172 33.41 3.88 -3.96
C ARG C 172 34.02 5.28 -3.93
N MET C 173 33.37 6.20 -3.21
CA MET C 173 33.89 7.54 -2.99
C MET C 173 35.29 7.57 -2.37
N GLY C 174 35.64 6.50 -1.68
CA GLY C 174 36.85 6.51 -0.85
C GLY C 174 36.61 6.81 0.62
N LYS C 175 35.37 6.72 1.10
CA LYS C 175 35.15 6.63 2.55
C LYS C 175 35.62 5.28 3.09
N PHE C 176 36.05 5.29 4.36
CA PHE C 176 36.19 4.07 5.15
C PHE C 176 34.91 3.83 5.93
N VAL C 177 34.29 2.69 5.67
CA VAL C 177 32.93 2.44 6.12
C VAL C 177 32.90 1.31 7.14
N ILE C 178 32.32 1.64 8.29
CA ILE C 178 32.09 0.69 9.35
C ILE C 178 30.60 0.44 9.43
N THR C 179 30.22 -0.82 9.39
CA THR C 179 28.83 -1.15 9.55
C THR C 179 28.55 -2.13 10.70
N ILE C 180 27.37 -2.01 11.28
CA ILE C 180 26.85 -2.97 12.21
C ILE C 180 25.66 -3.66 11.55
N ASP C 181 25.71 -4.98 11.45
CA ASP C 181 24.73 -5.76 10.66
C ASP C 181 24.69 -7.20 11.18
N LEU C 182 23.51 -7.72 11.48
CA LEU C 182 23.41 -9.08 12.04
C LEU C 182 23.50 -10.15 10.97
N ASN C 183 23.36 -9.75 9.70
CA ASN C 183 23.57 -10.65 8.59
C ASN C 183 24.97 -10.53 8.02
N PRO C 184 25.79 -11.55 8.26
CA PRO C 184 27.17 -11.48 7.86
C PRO C 184 27.38 -11.68 6.37
N LEU C 185 26.33 -12.01 5.62
CA LEU C 185 26.46 -12.32 4.18
C LEU C 185 25.76 -11.29 3.29
N SER C 186 25.10 -10.33 3.94
CA SER C 186 24.51 -9.18 3.28
C SER C 186 25.54 -8.37 2.47
N ARG C 187 25.03 -7.55 1.56
CA ARG C 187 25.88 -6.75 0.69
C ARG C 187 26.65 -5.74 1.52
N SER C 188 25.92 -5.03 2.37
CA SER C 188 26.50 -4.11 3.34
C SER C 188 27.69 -4.76 4.07
N ALA C 189 27.48 -5.98 4.56
CA ALA C 189 28.47 -6.71 5.36
C ALA C 189 29.68 -7.07 4.53
N ARG C 190 29.45 -7.41 3.27
CA ARG C 190 30.53 -7.84 2.41
C ARG C 190 31.38 -6.65 1.98
N MET C 191 30.76 -5.49 1.87
CA MET C 191 31.41 -4.38 1.20
C MET C 191 32.10 -3.41 2.17
N ALA C 192 31.61 -3.36 3.40
CA ALA C 192 32.18 -2.51 4.44
C ALA C 192 33.64 -2.87 4.70
N ASP C 193 34.41 -1.88 5.12
CA ASP C 193 35.80 -2.11 5.54
C ASP C 193 35.85 -2.82 6.90
N ILE C 194 34.92 -2.47 7.77
CA ILE C 194 34.79 -3.15 9.05
C ILE C 194 33.35 -3.51 9.32
N THR C 195 33.12 -4.79 9.57
CA THR C 195 31.80 -5.31 9.79
C THR C 195 31.63 -5.86 11.20
N ILE C 196 30.76 -5.23 11.96
CA ILE C 196 30.45 -5.73 13.24
C ILE C 196 29.16 -6.53 13.17
N VAL C 197 29.30 -7.85 13.31
CA VAL C 197 28.14 -8.71 13.28
C VAL C 197 27.64 -8.86 14.70
N ASP C 198 26.73 -7.98 15.03
CA ASP C 198 26.15 -7.96 16.36
C ASP C 198 24.87 -7.16 16.33
N ASN C 199 24.09 -7.26 17.37
CA ASN C 199 22.87 -6.50 17.44
C ASN C 199 23.21 -5.06 17.85
N ILE C 200 22.60 -4.07 17.21
CA ILE C 200 22.96 -2.68 17.50
C ILE C 200 22.78 -2.34 18.96
N VAL C 201 21.82 -2.99 19.62
CA VAL C 201 21.51 -2.69 21.02
C VAL C 201 22.63 -3.17 21.92
N ARG C 202 23.45 -4.10 21.43
CA ARG C 202 24.63 -4.57 22.17
C ARG C 202 25.90 -3.81 21.75
N ALA C 203 26.09 -3.64 20.44
CA ALA C 203 27.27 -3.00 19.88
C ALA C 203 27.50 -1.57 20.33
N TYR C 204 26.46 -0.74 20.28
CA TYR C 204 26.60 0.70 20.49
C TYR C 204 27.03 1.06 21.94
N PRO C 205 26.40 0.43 22.95
CA PRO C 205 26.94 0.59 24.29
C PRO C 205 28.33 -0.03 24.45
N ARG C 206 28.58 -1.18 23.83
CA ARG C 206 29.91 -1.77 23.89
C ARG C 206 30.92 -0.79 23.33
N MET C 207 30.58 -0.18 22.18
CA MET C 207 31.54 0.65 21.48
C MET C 207 31.79 1.92 22.28
N THR C 208 30.77 2.40 22.97
CA THR C 208 30.89 3.57 23.81
C THR C 208 31.88 3.26 24.95
N GLU C 209 31.82 2.05 25.50
CA GLU C 209 32.81 1.63 26.52
C GLU C 209 34.23 1.58 25.96
N LEU C 210 34.39 0.99 24.78
CA LEU C 210 35.71 0.83 24.19
C LEU C 210 36.35 2.18 23.91
N ALA C 211 35.54 3.13 23.48
CA ALA C 211 36.05 4.44 23.10
C ALA C 211 36.56 5.17 24.32
N ARG C 212 35.80 5.08 25.39
CA ARG C 212 36.20 5.69 26.65
C ARG C 212 37.50 5.08 27.16
N GLU C 213 37.62 3.76 27.05
CA GLU C 213 38.88 3.09 27.34
C GLU C 213 40.01 3.47 26.39
N MET C 214 39.75 3.39 25.09
CA MET C 214 40.79 3.41 24.08
C MET C 214 41.28 4.82 23.80
N LYS C 215 40.60 5.81 24.35
CA LYS C 215 41.05 7.16 24.24
C LYS C 215 42.36 7.37 24.99
N ASP C 216 42.61 6.55 26.02
CA ASP C 216 43.88 6.60 26.74
C ASP C 216 45.00 5.87 26.02
N TYR C 217 44.65 5.17 24.95
CA TYR C 217 45.65 4.39 24.26
C TYR C 217 46.70 5.29 23.61
N SER C 218 47.91 4.77 23.42
CA SER C 218 48.90 5.43 22.61
C SER C 218 48.46 5.46 21.15
N ARG C 219 48.97 6.42 20.39
CA ARG C 219 48.72 6.39 18.95
C ARG C 219 49.21 5.11 18.32
N GLY C 220 50.41 4.67 18.71
CA GLY C 220 51.02 3.47 18.16
C GLY C 220 50.18 2.22 18.35
N GLU C 221 49.56 2.09 19.52
CA GLU C 221 48.68 0.96 19.81
C GLU C 221 47.40 0.98 18.93
N LEU C 222 46.81 2.16 18.76
CA LEU C 222 45.65 2.29 17.90
C LEU C 222 45.96 1.89 16.46
N ILE C 223 47.11 2.31 15.98
CA ILE C 223 47.51 2.05 14.61
C ILE C 223 47.73 0.56 14.43
N ARG C 224 48.41 -0.06 15.39
CA ARG C 224 48.64 -1.50 15.34
C ARG C 224 47.33 -2.31 15.30
N ILE C 225 46.34 -1.91 16.10
CA ILE C 225 45.09 -2.61 16.14
C ILE C 225 44.36 -2.46 14.81
N ILE C 226 44.44 -1.29 14.23
CA ILE C 226 43.80 -1.07 12.91
C ILE C 226 44.52 -1.87 11.83
N GLU C 227 45.84 -1.88 11.87
CA GLU C 227 46.61 -2.46 10.78
C GLU C 227 46.52 -3.96 10.82
N GLU C 228 46.40 -4.52 12.00
CA GLU C 228 46.24 -5.97 12.11
C GLU C 228 44.83 -6.46 11.81
N TYR C 229 43.83 -5.58 11.85
CA TYR C 229 42.48 -6.05 11.63
C TYR C 229 42.28 -6.57 10.21
N ASP C 230 41.67 -7.75 10.12
CA ASP C 230 41.34 -8.37 8.82
C ASP C 230 39.84 -8.68 8.75
N ASN C 231 39.11 -7.91 7.96
CA ASN C 231 37.67 -8.06 7.96
C ASN C 231 37.21 -9.38 7.31
N GLY C 232 38.04 -9.90 6.39
CA GLY C 232 37.75 -11.19 5.74
C GLY C 232 37.77 -12.31 6.76
N LYS C 233 38.84 -12.41 7.52
CA LYS C 233 38.98 -13.46 8.51
C LYS C 233 37.89 -13.32 9.56
N THR C 234 37.57 -12.09 9.90
CA THR C 234 36.59 -11.85 10.94
C THR C 234 35.21 -12.32 10.47
N LEU C 235 34.82 -11.98 9.25
CA LEU C 235 33.55 -12.47 8.72
C LEU C 235 33.54 -14.01 8.62
N ASN C 236 34.64 -14.61 8.19
CA ASN C 236 34.76 -16.06 8.12
C ASN C 236 34.61 -16.68 9.50
N ASP C 237 35.20 -16.03 10.50
CA ASP C 237 35.08 -16.46 11.90
C ASP C 237 33.65 -16.33 12.43
N VAL C 238 32.90 -15.33 11.96
CA VAL C 238 31.47 -15.27 12.30
C VAL C 238 30.71 -16.49 11.77
N LEU C 239 30.88 -16.79 10.48
CA LEU C 239 30.21 -17.95 9.88
C LEU C 239 30.59 -19.25 10.59
N LEU C 240 31.87 -19.39 10.88
CA LEU C 240 32.37 -20.54 11.61
C LEU C 240 31.76 -20.65 13.00
N HIS C 241 31.51 -19.52 13.64
CA HIS C 241 30.81 -19.53 14.93
C HIS C 241 29.39 -20.07 14.75
N ILE C 242 28.71 -19.60 13.72
CA ILE C 242 27.33 -20.00 13.52
C ILE C 242 27.28 -21.49 13.15
N ARG C 243 28.18 -21.92 12.29
CA ARG C 243 28.21 -23.31 11.90
C ARG C 243 28.41 -24.26 13.07
N ASP C 244 29.48 -24.03 13.81
CA ASP C 244 29.89 -24.93 14.88
C ASP C 244 28.77 -24.92 15.90
N ARG C 245 28.11 -23.78 16.03
CA ARG C 245 26.99 -23.72 16.96
C ARG C 245 25.83 -24.60 16.49
N LEU C 246 25.52 -24.51 15.20
CA LEU C 246 24.47 -25.34 14.65
C LEU C 246 24.85 -26.80 14.83
N THR C 247 26.08 -27.12 14.44
CA THR C 247 26.55 -28.46 14.59
C THR C 247 26.29 -28.92 16.01
N LYS C 248 26.64 -28.08 16.97
CA LYS C 248 26.53 -28.50 18.37
C LYS C 248 25.08 -28.62 18.83
N LEU C 249 24.22 -27.71 18.39
CA LEU C 249 22.80 -27.85 18.75
C LEU C 249 22.23 -29.14 18.17
N ALA C 250 22.68 -29.54 16.99
CA ALA C 250 22.14 -30.72 16.34
C ALA C 250 22.60 -31.97 17.06
N GLU C 251 23.88 -32.00 17.45
CA GLU C 251 24.45 -33.24 17.98
C GLU C 251 23.86 -33.54 19.36
N GLY C 252 23.47 -32.49 20.07
CA GLY C 252 22.85 -32.65 21.39
C GLY C 252 21.34 -32.85 21.32
N GLY C 253 20.75 -32.49 20.17
CA GLY C 253 19.29 -32.53 20.03
C GLY C 253 18.67 -31.34 20.72
N ILE C 254 17.65 -30.75 20.09
CA ILE C 254 17.02 -29.56 20.63
C ILE C 254 15.54 -29.76 20.96
N TRP C 255 14.96 -30.83 20.44
CA TRP C 255 13.54 -31.05 20.61
C TRP C 255 13.19 -31.26 22.08
N ARG C 256 12.13 -30.58 22.53
CA ARG C 256 11.66 -30.68 23.91
C ARG C 256 12.63 -30.05 24.90
N LYS C 257 13.71 -29.45 24.39
CA LYS C 257 14.73 -28.84 25.22
C LYS C 257 14.33 -27.41 25.54
N LYS C 258 14.34 -27.08 26.83
CA LYS C 258 13.78 -25.82 27.31
C LYS C 258 14.62 -24.64 26.82
N GLN C 259 15.93 -24.75 26.97
CA GLN C 259 16.83 -23.70 26.49
C GLN C 259 18.02 -24.26 25.72
N LEU C 260 18.57 -23.42 24.85
CA LEU C 260 19.71 -23.79 24.03
C LEU C 260 20.90 -22.88 24.33
N ASP C 261 22.10 -23.36 24.04
CA ASP C 261 23.32 -22.69 24.49
C ASP C 261 24.17 -22.28 23.30
N ARG D 10 13.44 -12.52 -7.24
CA ARG D 10 12.90 -12.36 -5.86
C ARG D 10 11.44 -11.91 -5.90
N TYR D 11 10.69 -12.44 -6.85
CA TYR D 11 9.32 -11.99 -7.08
C TYR D 11 8.48 -12.21 -5.82
N TRP D 12 8.50 -13.44 -5.31
CA TRP D 12 7.55 -13.86 -4.30
C TRP D 12 7.91 -13.27 -2.95
N SER D 13 9.20 -13.23 -2.66
CA SER D 13 9.73 -12.50 -1.50
C SER D 13 8.95 -11.21 -1.31
N LEU D 14 8.83 -10.45 -2.39
CA LEU D 14 8.38 -9.07 -2.31
C LEU D 14 6.87 -8.97 -2.57
N TYR D 15 6.33 -9.97 -3.27
CA TYR D 15 4.87 -10.08 -3.45
C TYR D 15 4.15 -10.28 -2.10
N TYR D 16 4.77 -11.04 -1.21
CA TYR D 16 4.11 -11.42 0.04
C TYR D 16 4.43 -10.40 1.12
N ARG D 17 5.53 -9.69 0.96
CA ARG D 17 5.75 -8.43 1.66
C ARG D 17 4.56 -7.47 1.54
N GLU D 18 4.05 -7.31 0.32
CA GLU D 18 2.90 -6.41 0.10
C GLU D 18 1.66 -6.92 0.82
N LYS D 19 1.32 -8.19 0.59
CA LYS D 19 0.09 -8.75 1.14
C LYS D 19 0.06 -8.61 2.65
N ILE D 20 1.24 -8.72 3.27
CA ILE D 20 1.31 -8.63 4.72
C ILE D 20 1.07 -7.18 5.18
N ILE D 21 1.55 -6.24 4.39
CA ILE D 21 1.27 -4.82 4.60
C ILE D 21 -0.22 -4.51 4.45
N GLU D 22 -0.82 -5.05 3.39
CA GLU D 22 -2.24 -4.86 3.09
C GLU D 22 -3.15 -5.43 4.17
N GLY D 23 -2.73 -6.54 4.77
CA GLY D 23 -3.50 -7.15 5.84
C GLY D 23 -3.49 -6.32 7.11
N MET D 24 -2.41 -5.56 7.31
CA MET D 24 -2.37 -4.59 8.40
C MET D 24 -3.30 -3.40 8.10
N GLU D 25 -3.18 -2.86 6.90
CA GLU D 25 -4.10 -1.82 6.44
C GLU D 25 -5.56 -2.24 6.56
N LYS D 26 -5.82 -3.55 6.46
CA LYS D 26 -7.18 -4.08 6.61
C LYS D 26 -7.56 -4.33 8.07
N GLY D 27 -6.64 -4.09 8.99
CA GLY D 27 -6.92 -4.32 10.41
C GLY D 27 -6.82 -5.78 10.82
N MET D 28 -6.24 -6.62 9.96
CA MET D 28 -6.07 -8.04 10.28
C MET D 28 -4.76 -8.31 11.03
N THR D 29 -3.65 -7.91 10.42
CA THR D 29 -2.34 -8.27 10.94
C THR D 29 -1.82 -7.17 11.86
N ALA D 30 -1.42 -7.57 13.07
CA ALA D 30 -0.77 -6.65 14.01
C ALA D 30 0.58 -6.19 13.48
N LYS D 31 1.06 -5.07 14.01
CA LYS D 31 2.41 -4.58 13.72
C LYS D 31 3.46 -5.65 14.04
N ALA D 32 3.29 -6.33 15.17
CA ALA D 32 4.18 -7.46 15.51
C ALA D 32 4.26 -8.47 14.38
N GLY D 33 3.19 -8.58 13.58
CA GLY D 33 3.17 -9.55 12.48
C GLY D 33 4.08 -9.15 11.33
N LEU D 34 4.26 -7.85 11.14
CA LEU D 34 5.19 -7.33 10.15
C LEU D 34 6.60 -7.78 10.49
N ILE D 35 6.90 -7.81 11.79
CA ILE D 35 8.21 -8.21 12.28
C ILE D 35 8.37 -9.72 12.12
N ALA D 36 7.35 -10.47 12.53
CA ALA D 36 7.34 -11.93 12.37
C ALA D 36 7.57 -12.32 10.91
N HIS D 37 7.00 -11.55 10.01
CA HIS D 37 7.15 -11.80 8.60
C HIS D 37 8.62 -11.66 8.18
N GLY D 38 9.30 -10.68 8.76
CA GLY D 38 10.70 -10.45 8.44
C GLY D 38 11.63 -11.54 8.95
N ARG D 39 11.41 -12.00 10.19
CA ARG D 39 12.10 -13.20 10.66
C ARG D 39 11.96 -14.33 9.64
N GLY D 40 10.72 -14.61 9.25
CA GLY D 40 10.45 -15.74 8.35
C GLY D 40 11.06 -15.51 6.99
N GLU D 41 11.12 -14.24 6.58
CA GLU D 41 11.82 -13.87 5.37
C GLU D 41 13.30 -14.28 5.39
N ALA D 42 13.98 -14.03 6.51
CA ALA D 42 15.40 -14.33 6.64
C ALA D 42 15.64 -15.84 6.67
N PHE D 43 14.85 -16.54 7.47
CA PHE D 43 14.96 -17.99 7.58
C PHE D 43 14.63 -18.72 6.28
N ASP D 44 13.70 -18.17 5.52
CA ASP D 44 13.36 -18.74 4.24
C ASP D 44 14.54 -18.63 3.26
N TYR D 45 15.17 -17.45 3.23
CA TYR D 45 16.37 -17.30 2.43
C TYR D 45 17.41 -18.35 2.82
N LEU D 46 17.62 -18.54 4.11
CA LEU D 46 18.63 -19.46 4.60
C LEU D 46 18.27 -20.92 4.29
N ILE D 47 16.98 -21.20 4.37
CA ILE D 47 16.45 -22.51 4.05
C ILE D 47 16.62 -22.74 2.55
N GLY D 48 16.44 -21.68 1.75
CA GLY D 48 16.49 -21.81 0.29
C GLY D 48 15.17 -21.56 -0.42
N GLU D 49 14.20 -21.04 0.32
CA GLU D 49 12.92 -20.64 -0.26
C GLU D 49 12.27 -21.79 -1.06
N ARG D 50 12.23 -22.96 -0.45
CA ARG D 50 11.52 -24.10 -1.02
C ARG D 50 11.10 -25.00 0.11
N THR D 51 10.28 -26.00 -0.20
CA THR D 51 9.93 -27.03 0.77
C THR D 51 11.03 -28.05 0.81
N ILE D 52 11.82 -28.03 1.88
CA ILE D 52 12.92 -28.99 1.99
C ILE D 52 12.45 -30.39 2.37
N GLU D 53 13.33 -31.37 2.20
CA GLU D 53 12.97 -32.73 2.44
C GLU D 53 12.50 -32.94 3.89
N PRO D 54 13.15 -32.26 4.85
CA PRO D 54 12.67 -32.40 6.24
C PRO D 54 11.30 -31.77 6.49
N ALA D 55 10.90 -30.85 5.62
CA ALA D 55 9.59 -30.28 5.74
C ALA D 55 8.53 -31.18 5.11
N GLU D 56 8.83 -31.70 3.92
CA GLU D 56 7.99 -32.69 3.30
C GLU D 56 7.74 -33.90 4.20
N ARG D 57 8.79 -34.44 4.81
CA ARG D 57 8.68 -35.61 5.67
C ARG D 57 7.67 -35.30 6.79
N ALA D 58 7.82 -34.13 7.37
CA ALA D 58 7.02 -33.75 8.52
C ALA D 58 5.61 -33.52 8.06
N MET D 59 5.46 -32.95 6.87
CA MET D 59 4.10 -32.76 6.34
C MET D 59 3.34 -34.05 6.05
N ARG D 60 4.01 -35.09 5.54
CA ARG D 60 3.40 -36.40 5.39
C ARG D 60 2.89 -36.90 6.76
N ALA D 61 3.79 -36.91 7.73
CA ALA D 61 3.43 -37.36 9.06
C ALA D 61 2.29 -36.54 9.63
N ALA D 62 2.34 -35.22 9.44
CA ALA D 62 1.29 -34.34 9.98
C ALA D 62 -0.06 -34.56 9.32
N VAL D 63 -0.06 -34.74 8.00
CA VAL D 63 -1.29 -35.10 7.31
C VAL D 63 -1.83 -36.46 7.70
N ALA D 64 -0.95 -37.43 7.95
CA ALA D 64 -1.44 -38.72 8.39
C ALA D 64 -2.13 -38.55 9.75
N LYS D 65 -1.55 -37.72 10.61
CA LYS D 65 -2.04 -37.58 11.97
C LYS D 65 -3.39 -36.86 11.96
N LEU D 66 -3.48 -35.81 11.16
CA LEU D 66 -4.69 -35.03 11.05
C LEU D 66 -5.84 -35.85 10.48
N LEU D 67 -5.51 -36.77 9.58
CA LEU D 67 -6.52 -37.59 8.94
C LEU D 67 -7.12 -38.62 9.89
N LEU D 68 -6.30 -39.14 10.81
CA LEU D 68 -6.76 -40.12 11.77
C LEU D 68 -7.33 -39.46 13.01
N ALA D 69 -7.14 -38.14 13.16
CA ALA D 69 -7.63 -37.39 14.32
C ALA D 69 -9.15 -37.48 14.50
N GLU D 70 -9.59 -37.43 15.76
CA GLU D 70 -11.03 -37.38 16.09
C GLU D 70 -11.62 -35.99 15.90
N ASN D 71 -10.94 -34.99 16.47
CA ASN D 71 -11.38 -33.59 16.37
C ASN D 71 -10.23 -32.66 16.02
N PRO D 72 -9.79 -32.70 14.76
CA PRO D 72 -8.72 -31.82 14.29
C PRO D 72 -9.18 -30.38 14.25
N VAL D 73 -8.27 -29.47 14.57
CA VAL D 73 -8.51 -28.07 14.36
C VAL D 73 -7.34 -27.39 13.70
N VAL D 74 -7.65 -26.55 12.70
CA VAL D 74 -6.68 -25.65 12.08
C VAL D 74 -6.87 -24.23 12.63
N SER D 75 -5.82 -23.67 13.21
CA SER D 75 -5.89 -22.36 13.83
C SER D 75 -5.46 -21.26 12.88
N VAL D 76 -6.14 -20.12 12.96
CA VAL D 76 -5.92 -18.99 12.04
C VAL D 76 -5.58 -17.72 12.80
N ASN D 77 -4.55 -17.02 12.35
CA ASN D 77 -4.25 -15.71 12.88
C ASN D 77 -4.09 -14.67 11.80
N GLY D 78 -3.56 -13.52 12.18
CA GLY D 78 -3.61 -12.33 11.35
C GLY D 78 -2.75 -12.47 10.13
N ASN D 79 -1.64 -13.20 10.29
CA ASN D 79 -0.67 -13.37 9.21
C ASN D 79 -1.13 -14.48 8.26
N VAL D 80 -1.80 -15.47 8.83
CA VAL D 80 -2.45 -16.51 8.04
C VAL D 80 -3.53 -15.88 7.18
N ALA D 81 -4.39 -15.10 7.83
CA ALA D 81 -5.53 -14.47 7.15
C ALA D 81 -5.06 -13.51 6.07
N ALA D 82 -3.88 -12.94 6.27
CA ALA D 82 -3.31 -12.03 5.31
C ALA D 82 -2.75 -12.75 4.10
N LEU D 83 -2.09 -13.89 4.35
CA LEU D 83 -1.23 -14.53 3.35
C LEU D 83 -1.92 -15.67 2.61
N VAL D 84 -2.66 -16.51 3.36
CA VAL D 84 -3.28 -17.70 2.79
C VAL D 84 -4.70 -17.91 3.32
N PRO D 85 -5.58 -16.93 3.10
CA PRO D 85 -6.95 -17.15 3.56
C PRO D 85 -7.63 -18.32 2.83
N LYS D 86 -7.59 -18.30 1.50
CA LYS D 86 -8.23 -19.35 0.72
C LYS D 86 -7.69 -20.73 1.09
N GLU D 87 -6.38 -20.82 1.20
CA GLU D 87 -5.72 -22.12 1.26
C GLU D 87 -5.89 -22.74 2.64
N THR D 88 -6.00 -21.89 3.65
CA THR D 88 -6.26 -22.36 5.00
C THR D 88 -7.66 -22.96 5.09
N ILE D 89 -8.59 -22.39 4.33
CA ILE D 89 -9.93 -22.96 4.22
C ILE D 89 -9.94 -24.30 3.48
N GLU D 90 -9.35 -24.30 2.28
CA GLU D 90 -9.15 -25.54 1.53
C GLU D 90 -8.51 -26.61 2.39
N LEU D 91 -7.50 -26.24 3.17
CA LEU D 91 -6.85 -27.24 4.03
C LEU D 91 -7.86 -27.83 5.01
N ALA D 92 -8.61 -26.97 5.69
CA ALA D 92 -9.58 -27.43 6.71
C ALA D 92 -10.61 -28.40 6.13
N ARG D 93 -11.15 -28.08 4.96
CA ARG D 93 -12.12 -28.91 4.29
C ARG D 93 -11.52 -30.27 3.95
N ALA D 94 -10.36 -30.26 3.29
CA ALA D 94 -9.70 -31.51 2.92
C ALA D 94 -9.45 -32.39 4.13
N LEU D 95 -9.28 -31.79 5.29
CA LEU D 95 -8.96 -32.55 6.49
C LEU D 95 -10.22 -32.87 7.27
N ASN D 96 -11.34 -32.35 6.80
CA ASN D 96 -12.51 -32.25 7.66
C ASN D 96 -12.17 -31.70 9.06
N ALA D 97 -11.37 -30.64 9.10
CA ALA D 97 -11.01 -30.03 10.37
C ALA D 97 -11.80 -28.75 10.57
N LYS D 98 -12.10 -28.45 11.83
CA LYS D 98 -12.66 -27.14 12.19
C LYS D 98 -11.60 -26.06 12.11
N LEU D 99 -12.04 -24.85 11.79
CA LEU D 99 -11.16 -23.70 11.67
C LEU D 99 -11.42 -22.77 12.84
N GLU D 100 -10.37 -22.35 13.53
CA GLU D 100 -10.52 -21.52 14.72
C GLU D 100 -9.60 -20.30 14.64
N ILE D 101 -10.18 -19.11 14.74
CA ILE D 101 -9.37 -17.91 14.82
C ILE D 101 -8.74 -17.82 16.21
N ASN D 102 -7.43 -17.60 16.21
CA ASN D 102 -6.62 -17.66 17.42
C ASN D 102 -5.42 -16.72 17.35
N LEU D 103 -5.43 -15.70 18.20
CA LEU D 103 -4.52 -14.56 18.07
C LEU D 103 -3.78 -14.35 19.39
N PHE D 104 -2.74 -13.51 19.36
CA PHE D 104 -2.17 -13.00 20.60
C PHE D 104 -2.76 -11.65 21.00
N TYR D 105 -2.74 -10.68 20.08
CA TYR D 105 -3.44 -9.42 20.29
C TYR D 105 -4.90 -9.53 19.89
N ARG D 106 -5.72 -10.01 20.81
CA ARG D 106 -7.14 -10.26 20.52
C ARG D 106 -7.93 -8.95 20.53
N THR D 107 -8.10 -8.37 19.35
CA THR D 107 -8.93 -7.19 19.20
C THR D 107 -10.26 -7.58 18.55
N GLU D 108 -11.33 -6.91 18.95
CA GLU D 108 -12.66 -7.23 18.42
C GLU D 108 -12.69 -6.86 16.94
N ASP D 109 -12.11 -5.71 16.60
CA ASP D 109 -12.09 -5.27 15.21
C ASP D 109 -11.26 -6.19 14.31
N ARG D 110 -10.25 -6.81 14.89
CA ARG D 110 -9.32 -7.64 14.12
C ARG D 110 -9.93 -9.01 13.85
N VAL D 111 -10.53 -9.60 14.88
CA VAL D 111 -11.34 -10.81 14.74
C VAL D 111 -12.40 -10.64 13.66
N LYS D 112 -13.14 -9.54 13.76
CA LYS D 112 -14.09 -9.14 12.73
C LYS D 112 -13.41 -9.09 11.34
N ALA D 113 -12.29 -8.39 11.26
CA ALA D 113 -11.61 -8.18 9.99
C ALA D 113 -11.16 -9.51 9.37
N ILE D 114 -10.74 -10.45 10.22
CA ILE D 114 -10.28 -11.76 9.73
C ILE D 114 -11.45 -12.64 9.36
N ALA D 115 -12.52 -12.57 10.15
CA ALA D 115 -13.72 -13.32 9.88
C ALA D 115 -14.30 -12.89 8.54
N GLU D 116 -14.23 -11.60 8.26
CA GLU D 116 -14.73 -11.09 6.97
C GLU D 116 -13.86 -11.58 5.80
N GLU D 117 -12.56 -11.63 6.03
CA GLU D 117 -11.65 -12.09 4.99
C GLU D 117 -11.94 -13.57 4.70
N LEU D 118 -12.04 -14.35 5.77
CA LEU D 118 -12.34 -15.78 5.62
C LEU D 118 -13.68 -16.00 4.87
N ARG D 119 -14.66 -15.14 5.17
CA ARG D 119 -16.03 -15.33 4.75
C ARG D 119 -16.19 -14.98 3.27
N LYS D 120 -15.32 -14.11 2.80
CA LYS D 120 -15.32 -13.73 1.39
C LYS D 120 -15.00 -14.93 0.46
N TYR D 121 -14.28 -15.92 0.98
CA TYR D 121 -13.91 -17.09 0.18
C TYR D 121 -14.88 -18.23 0.40
N ASP D 122 -15.41 -18.30 1.62
CA ASP D 122 -16.35 -19.35 2.00
C ASP D 122 -17.44 -18.80 2.93
N PRO D 123 -18.55 -18.32 2.34
CA PRO D 123 -19.47 -17.48 3.09
C PRO D 123 -20.12 -18.22 4.24
N GLU D 124 -20.11 -19.55 4.15
CA GLU D 124 -20.36 -20.39 5.30
C GLU D 124 -19.04 -20.73 6.00
N ILE D 125 -18.64 -22.00 5.91
CA ILE D 125 -17.84 -22.65 6.95
C ILE D 125 -17.98 -22.00 8.35
N GLU D 126 -18.05 -22.86 9.36
CA GLU D 126 -18.17 -22.42 10.75
C GLU D 126 -16.82 -21.93 11.29
N LEU D 127 -16.72 -20.61 11.47
CA LEU D 127 -15.54 -19.98 12.04
C LEU D 127 -15.61 -19.91 13.55
N LEU D 128 -14.86 -20.76 14.24
CA LEU D 128 -14.72 -20.67 15.70
C LEU D 128 -13.73 -19.59 16.13
N GLY D 129 -13.64 -19.42 17.45
CA GLY D 129 -12.74 -18.44 18.04
C GLY D 129 -13.25 -17.01 18.02
N ILE D 130 -14.52 -16.84 17.65
CA ILE D 130 -15.15 -15.52 17.68
C ILE D 130 -15.40 -15.09 19.12
N ASN D 131 -16.03 -15.96 19.90
CA ASN D 131 -16.32 -15.68 21.29
C ASN D 131 -15.87 -16.82 22.19
N PRO D 132 -14.56 -17.07 22.25
CA PRO D 132 -14.04 -18.20 23.00
C PRO D 132 -14.31 -18.08 24.48
N THR D 133 -14.75 -19.15 25.11
CA THR D 133 -15.17 -19.11 26.50
C THR D 133 -14.50 -20.19 27.32
N LYS D 134 -13.26 -20.52 26.96
CA LYS D 134 -12.47 -21.51 27.69
C LYS D 134 -11.01 -21.11 27.64
N ARG D 135 -10.20 -21.73 28.50
CA ARG D 135 -8.88 -21.20 28.80
C ARG D 135 -7.85 -22.31 28.96
N ILE D 136 -6.66 -22.06 28.42
CA ILE D 136 -5.59 -23.06 28.49
C ILE D 136 -4.90 -23.01 29.85
N PRO D 137 -4.84 -24.15 30.55
CA PRO D 137 -4.08 -24.22 31.77
C PRO D 137 -2.70 -23.57 31.67
N GLY D 138 -2.44 -22.60 32.54
CA GLY D 138 -1.09 -22.09 32.76
C GLY D 138 -0.71 -20.94 31.84
N LEU D 139 -1.68 -20.11 31.48
CA LEU D 139 -1.45 -19.07 30.48
C LEU D 139 -2.04 -17.72 30.88
N GLU D 140 -1.49 -16.66 30.30
CA GLU D 140 -1.85 -15.28 30.65
C GLU D 140 -2.79 -15.20 31.85
N HIS D 141 -3.93 -14.52 31.71
CA HIS D 141 -4.70 -14.46 30.47
C HIS D 141 -4.67 -13.05 29.91
N GLU D 142 -5.33 -12.83 28.77
CA GLU D 142 -6.32 -13.77 28.25
C GLU D 142 -6.22 -13.84 26.73
N ARG D 143 -5.00 -13.97 26.22
CA ARG D 143 -4.80 -14.50 24.88
C ARG D 143 -4.93 -16.02 24.87
N GLY D 144 -4.99 -16.62 26.06
CA GLY D 144 -5.00 -18.06 26.21
C GLY D 144 -6.41 -18.66 26.12
N LYS D 145 -7.33 -17.86 25.57
CA LYS D 145 -8.69 -18.32 25.36
C LYS D 145 -8.78 -19.24 24.14
N VAL D 146 -9.55 -20.31 24.28
CA VAL D 146 -9.89 -21.16 23.16
C VAL D 146 -11.38 -21.45 23.13
N ASP D 147 -11.85 -21.96 21.99
CA ASP D 147 -13.26 -22.18 21.77
C ASP D 147 -13.61 -23.59 22.24
N GLU D 148 -14.78 -23.74 22.85
CA GLU D 148 -15.09 -24.95 23.60
C GLU D 148 -15.42 -26.08 22.63
N ASN D 149 -15.87 -25.70 21.43
CA ASN D 149 -16.10 -26.67 20.37
C ASN D 149 -14.90 -26.93 19.48
N GLY D 150 -13.93 -26.01 19.49
CA GLY D 150 -12.75 -26.15 18.67
C GLY D 150 -11.58 -26.70 19.47
N ILE D 151 -10.59 -25.85 19.75
CA ILE D 151 -9.32 -26.34 20.24
C ILE D 151 -9.51 -27.02 21.59
N TRP D 152 -10.55 -26.60 22.30
CA TRP D 152 -10.83 -27.07 23.65
C TRP D 152 -11.05 -28.57 23.61
N LYS D 153 -11.72 -29.00 22.55
CA LYS D 153 -12.11 -30.37 22.36
C LYS D 153 -10.97 -31.16 21.69
N ALA D 154 -10.13 -30.45 20.94
CA ALA D 154 -9.34 -31.08 19.88
C ALA D 154 -8.36 -32.10 20.42
N ASP D 155 -8.16 -33.19 19.70
CA ASP D 155 -7.03 -34.07 19.99
C ASP D 155 -5.77 -33.68 19.19
N VAL D 156 -5.96 -33.02 18.05
CA VAL D 156 -4.85 -32.64 17.20
C VAL D 156 -5.07 -31.23 16.67
N VAL D 157 -4.07 -30.35 16.79
CA VAL D 157 -4.24 -28.98 16.32
C VAL D 157 -3.08 -28.45 15.50
N VAL D 158 -3.41 -27.72 14.45
CA VAL D 158 -2.43 -27.05 13.63
C VAL D 158 -2.33 -25.58 14.01
N VAL D 159 -1.11 -25.16 14.35
CA VAL D 159 -0.83 -23.80 14.83
C VAL D 159 0.32 -23.20 14.03
N PRO D 160 -0.01 -22.25 13.16
CA PRO D 160 0.93 -21.72 12.21
C PRO D 160 1.53 -20.42 12.71
N LEU D 161 2.84 -20.26 12.51
CA LEU D 161 3.50 -18.99 12.77
C LEU D 161 3.39 -18.62 14.23
N GLU D 162 3.63 -19.59 15.13
CA GLU D 162 3.02 -19.55 16.45
C GLU D 162 3.99 -19.05 17.52
N ASP D 163 3.44 -18.72 18.69
CA ASP D 163 4.22 -18.20 19.82
C ASP D 163 4.75 -19.32 20.70
N GLY D 164 5.83 -19.04 21.43
CA GLY D 164 6.54 -20.06 22.20
C GLY D 164 5.62 -20.78 23.18
N ASP D 165 4.88 -20.00 23.96
CA ASP D 165 4.27 -20.51 25.18
C ASP D 165 2.99 -21.30 24.88
N ARG D 166 2.18 -20.79 23.96
CA ARG D 166 0.88 -21.39 23.68
C ARG D 166 1.08 -22.85 23.24
N THR D 167 2.14 -23.11 22.48
CA THR D 167 2.40 -24.44 21.94
C THR D 167 2.74 -25.38 23.08
N GLU D 168 3.66 -24.94 23.93
CA GLU D 168 4.09 -25.74 25.07
C GLU D 168 2.91 -25.99 26.00
N ALA D 169 1.99 -25.03 26.03
CA ALA D 169 0.84 -25.09 26.93
C ALA D 169 -0.17 -26.08 26.38
N LEU D 170 -0.40 -25.99 25.08
CA LEU D 170 -1.28 -26.93 24.41
C LEU D 170 -0.80 -28.36 24.60
N VAL D 171 0.52 -28.57 24.51
CA VAL D 171 1.10 -29.90 24.71
C VAL D 171 0.82 -30.39 26.13
N ARG D 172 0.61 -29.46 27.05
CA ARG D 172 0.48 -29.78 28.47
C ARG D 172 -0.92 -30.26 28.82
N MET D 173 -1.95 -29.68 28.21
CA MET D 173 -3.28 -30.31 28.22
C MET D 173 -3.32 -31.57 27.36
N GLY D 174 -2.17 -31.97 26.84
CA GLY D 174 -2.07 -33.22 26.10
C GLY D 174 -2.70 -33.14 24.72
N LYS D 175 -2.82 -31.94 24.18
CA LYS D 175 -3.07 -31.73 22.75
C LYS D 175 -1.84 -32.10 21.92
N PHE D 176 -2.07 -32.70 20.75
CA PHE D 176 -0.98 -32.99 19.80
C PHE D 176 -0.81 -31.82 18.86
N VAL D 177 0.35 -31.18 18.95
CA VAL D 177 0.54 -29.90 18.28
C VAL D 177 1.44 -30.04 17.08
N ILE D 178 0.92 -29.57 15.95
CA ILE D 178 1.66 -29.49 14.71
C ILE D 178 1.85 -28.01 14.41
N THR D 179 3.10 -27.62 14.23
CA THR D 179 3.38 -26.25 13.93
C THR D 179 4.03 -26.10 12.55
N ILE D 180 3.63 -25.05 11.85
CA ILE D 180 4.33 -24.57 10.65
C ILE D 180 5.01 -23.23 10.93
N ASP D 181 6.32 -23.19 10.75
CA ASP D 181 7.18 -22.11 11.25
C ASP D 181 8.55 -22.25 10.61
N LEU D 182 9.04 -21.14 10.06
CA LEU D 182 10.31 -21.11 9.37
C LEU D 182 11.50 -21.00 10.31
N ASN D 183 11.24 -20.70 11.58
CA ASN D 183 12.31 -20.66 12.58
C ASN D 183 12.36 -21.92 13.41
N PRO D 184 13.41 -22.73 13.19
CA PRO D 184 13.58 -23.99 13.90
C PRO D 184 14.09 -23.81 15.32
N LEU D 185 14.53 -22.59 15.65
CA LEU D 185 15.21 -22.35 16.90
C LEU D 185 14.28 -21.64 17.86
N SER D 186 13.03 -21.46 17.46
CA SER D 186 12.04 -20.88 18.36
C SER D 186 11.60 -21.92 19.36
N ARG D 187 11.14 -21.46 20.51
CA ARG D 187 10.76 -22.38 21.57
C ARG D 187 9.55 -23.21 21.15
N SER D 188 8.63 -22.58 20.43
CA SER D 188 7.48 -23.30 19.88
C SER D 188 7.89 -24.46 18.96
N ALA D 189 8.86 -24.21 18.11
CA ALA D 189 9.38 -25.20 17.18
C ALA D 189 9.97 -26.43 17.87
N ARG D 190 10.71 -26.26 18.97
CA ARG D 190 11.20 -27.42 19.67
C ARG D 190 10.23 -27.97 20.74
N MET D 191 9.05 -27.35 20.87
CA MET D 191 8.02 -27.90 21.75
C MET D 191 6.92 -28.63 20.99
N ALA D 192 6.74 -28.33 19.71
CA ALA D 192 5.67 -28.98 18.94
C ALA D 192 5.94 -30.48 18.87
N ASP D 193 4.88 -31.27 18.74
CA ASP D 193 5.01 -32.68 18.36
C ASP D 193 5.53 -32.86 16.92
N ILE D 194 4.95 -32.12 15.99
CA ILE D 194 5.46 -32.09 14.62
C ILE D 194 5.75 -30.66 14.15
N THR D 195 7.01 -30.44 13.79
CA THR D 195 7.50 -29.14 13.40
C THR D 195 7.78 -29.14 11.90
N ILE D 196 6.95 -28.43 11.15
CA ILE D 196 7.14 -28.24 9.72
C ILE D 196 7.85 -26.92 9.42
N VAL D 197 9.15 -27.00 9.17
CA VAL D 197 9.92 -25.82 8.86
C VAL D 197 9.82 -25.46 7.37
N ASP D 198 8.83 -24.63 7.06
CA ASP D 198 8.54 -24.28 5.70
C ASP D 198 7.73 -22.99 5.74
N ASN D 199 7.69 -22.29 4.63
CA ASN D 199 6.84 -21.10 4.48
C ASN D 199 5.39 -21.52 4.31
N ILE D 200 4.49 -20.89 5.06
CA ILE D 200 3.10 -21.30 5.07
C ILE D 200 2.48 -21.18 3.68
N VAL D 201 2.95 -20.21 2.92
CA VAL D 201 2.53 -20.01 1.55
C VAL D 201 2.74 -21.30 0.74
N ARG D 202 3.74 -22.09 1.13
CA ARG D 202 3.99 -23.37 0.45
C ARG D 202 3.33 -24.54 1.17
N ALA D 203 3.38 -24.50 2.51
CA ALA D 203 3.00 -25.65 3.28
C ALA D 203 1.50 -25.92 3.18
N TYR D 204 0.68 -24.88 3.32
CA TYR D 204 -0.76 -25.12 3.29
C TYR D 204 -1.27 -25.81 2.01
N PRO D 205 -0.85 -25.33 0.84
CA PRO D 205 -1.30 -26.03 -0.36
C PRO D 205 -0.65 -27.40 -0.54
N ARG D 206 0.56 -27.55 -0.06
CA ARG D 206 1.17 -28.88 -0.04
C ARG D 206 0.46 -29.85 0.89
N MET D 207 0.06 -29.39 2.06
CA MET D 207 -0.65 -30.27 2.97
C MET D 207 -2.04 -30.58 2.44
N THR D 208 -2.57 -29.69 1.62
CA THR D 208 -3.85 -29.92 0.97
C THR D 208 -3.73 -30.98 -0.14
N GLU D 209 -2.68 -30.86 -0.94
CA GLU D 209 -2.32 -31.90 -1.91
C GLU D 209 -2.12 -33.24 -1.22
N LEU D 210 -1.32 -33.26 -0.15
CA LEU D 210 -1.09 -34.48 0.58
C LEU D 210 -2.38 -35.09 1.09
N ALA D 211 -3.28 -34.27 1.58
CA ALA D 211 -4.52 -34.77 2.19
C ALA D 211 -5.45 -35.38 1.14
N ARG D 212 -5.49 -34.76 -0.03
CA ARG D 212 -6.36 -35.24 -1.10
C ARG D 212 -5.89 -36.61 -1.58
N GLU D 213 -4.58 -36.78 -1.64
CA GLU D 213 -3.98 -38.08 -1.85
C GLU D 213 -4.28 -39.04 -0.69
N MET D 214 -3.72 -38.79 0.47
CA MET D 214 -3.63 -39.82 1.49
C MET D 214 -5.01 -40.16 2.06
N LYS D 215 -6.05 -39.56 1.50
CA LYS D 215 -7.43 -39.84 1.87
C LYS D 215 -7.81 -41.30 1.56
N ASP D 216 -7.24 -41.85 0.50
CA ASP D 216 -7.51 -43.22 0.11
C ASP D 216 -6.59 -44.21 0.82
N TYR D 217 -5.63 -43.69 1.56
CA TYR D 217 -4.73 -44.55 2.30
C TYR D 217 -5.53 -45.35 3.32
N SER D 218 -5.02 -46.51 3.69
CA SER D 218 -5.67 -47.29 4.70
C SER D 218 -5.21 -46.79 6.07
N ARG D 219 -5.88 -47.26 7.10
CA ARG D 219 -5.55 -46.81 8.43
C ARG D 219 -4.16 -47.29 8.78
N GLY D 220 -3.84 -48.51 8.36
CA GLY D 220 -2.52 -49.11 8.64
C GLY D 220 -1.40 -48.38 7.90
N GLU D 221 -1.67 -47.90 6.70
CA GLU D 221 -0.69 -47.11 5.96
C GLU D 221 -0.41 -45.79 6.69
N LEU D 222 -1.46 -45.16 7.20
CA LEU D 222 -1.30 -43.88 7.89
C LEU D 222 -0.58 -44.04 9.21
N ILE D 223 -0.88 -45.13 9.92
CA ILE D 223 -0.25 -45.36 11.20
C ILE D 223 1.23 -45.60 11.02
N ARG D 224 1.57 -46.41 10.03
CA ARG D 224 2.96 -46.60 9.69
C ARG D 224 3.66 -45.26 9.51
N ILE D 225 3.10 -44.39 8.68
CA ILE D 225 3.69 -43.09 8.46
C ILE D 225 3.86 -42.34 9.78
N ILE D 226 2.82 -42.32 10.61
CA ILE D 226 2.90 -41.63 11.92
C ILE D 226 3.95 -42.20 12.86
N GLU D 227 3.97 -43.53 12.99
CA GLU D 227 4.78 -44.14 14.04
C GLU D 227 6.25 -44.02 13.72
N GLU D 228 6.57 -43.99 12.42
CA GLU D 228 7.95 -43.86 11.96
C GLU D 228 8.54 -42.45 12.18
N TYR D 229 7.67 -41.45 12.30
CA TYR D 229 8.14 -40.07 12.27
C TYR D 229 8.89 -39.71 13.55
N ASP D 230 10.06 -39.09 13.40
CA ASP D 230 10.86 -38.67 14.53
C ASP D 230 11.14 -37.18 14.47
N ASN D 231 10.40 -36.38 15.24
CA ASN D 231 10.51 -34.94 15.17
C ASN D 231 11.86 -34.42 15.65
N GLY D 232 12.53 -35.18 16.51
CA GLY D 232 13.86 -34.77 16.96
C GLY D 232 14.83 -34.73 15.78
N LYS D 233 14.89 -35.85 15.07
CA LYS D 233 15.83 -36.00 13.97
C LYS D 233 15.55 -34.95 12.89
N THR D 234 14.26 -34.71 12.66
CA THR D 234 13.83 -33.72 11.70
C THR D 234 14.34 -32.34 12.01
N LEU D 235 14.28 -31.94 13.28
CA LEU D 235 14.77 -30.63 13.69
C LEU D 235 16.28 -30.54 13.54
N ASN D 236 16.96 -31.64 13.85
CA ASN D 236 18.40 -31.70 13.70
C ASN D 236 18.80 -31.60 12.23
N ASP D 237 18.01 -32.23 11.38
CA ASP D 237 18.31 -32.24 9.95
C ASP D 237 18.11 -30.84 9.39
N VAL D 238 17.17 -30.09 9.98
CA VAL D 238 16.91 -28.73 9.55
C VAL D 238 18.03 -27.79 9.98
N LEU D 239 18.55 -28.01 11.19
CA LEU D 239 19.70 -27.26 11.66
C LEU D 239 20.93 -27.49 10.77
N LEU D 240 21.18 -28.75 10.45
CA LEU D 240 22.32 -29.12 9.63
C LEU D 240 22.15 -28.65 8.19
N HIS D 241 20.90 -28.52 7.74
CA HIS D 241 20.62 -28.06 6.40
C HIS D 241 21.02 -26.59 6.29
N ILE D 242 20.70 -25.82 7.32
CA ILE D 242 20.92 -24.37 7.29
C ILE D 242 22.41 -24.14 7.41
N ARG D 243 23.06 -25.00 8.19
CA ARG D 243 24.50 -24.94 8.33
C ARG D 243 25.17 -25.16 6.97
N ASP D 244 24.71 -26.17 6.27
CA ASP D 244 25.37 -26.55 5.00
C ASP D 244 25.06 -25.49 3.96
N ARG D 245 23.94 -24.83 4.12
CA ARG D 245 23.59 -23.75 3.22
C ARG D 245 24.43 -22.50 3.51
N LEU D 246 24.64 -22.19 4.78
CA LEU D 246 25.62 -21.19 5.20
C LEU D 246 27.03 -21.44 4.64
N THR D 247 27.56 -22.65 4.81
CA THR D 247 28.91 -22.86 4.29
C THR D 247 28.97 -22.75 2.77
N LYS D 248 27.85 -22.97 2.11
CA LYS D 248 27.82 -22.90 0.66
C LYS D 248 27.79 -21.44 0.21
N LEU D 249 26.94 -20.65 0.85
CA LEU D 249 26.87 -19.22 0.58
C LEU D 249 28.19 -18.49 0.82
N ALA D 250 28.96 -18.95 1.81
CA ALA D 250 30.18 -18.27 2.25
C ALA D 250 31.42 -18.73 1.50
N GLU D 251 31.33 -19.91 0.89
CA GLU D 251 32.45 -20.52 0.17
C GLU D 251 33.14 -19.58 -0.82
N GLY D 252 34.47 -19.53 -0.76
CA GLY D 252 35.24 -18.78 -1.78
C GLY D 252 35.73 -17.35 -1.48
N GLY D 253 35.68 -16.91 -0.21
CA GLY D 253 34.44 -16.59 0.50
C GLY D 253 33.93 -15.16 0.34
N ILE D 254 34.04 -14.36 1.40
CA ILE D 254 32.98 -13.38 1.72
C ILE D 254 33.33 -11.91 1.42
N TRP D 255 34.19 -11.32 2.23
CA TRP D 255 34.59 -9.94 2.02
C TRP D 255 35.27 -9.86 0.63
N ARG D 256 35.43 -8.65 0.11
CA ARG D 256 34.41 -7.96 -0.65
C ARG D 256 34.12 -8.71 -1.96
N LYS D 257 33.47 -9.87 -1.86
CA LYS D 257 32.88 -10.52 -3.02
C LYS D 257 31.39 -10.21 -3.13
N LYS D 258 30.88 -10.33 -4.35
CA LYS D 258 29.44 -10.41 -4.57
C LYS D 258 28.95 -11.80 -4.19
N GLN D 259 27.74 -11.87 -3.64
CA GLN D 259 27.06 -13.14 -3.48
C GLN D 259 26.73 -13.68 -4.86
N LEU D 260 27.37 -14.77 -5.25
CA LEU D 260 27.00 -15.47 -6.46
C LEU D 260 26.40 -16.83 -6.08
N ASP D 261 25.99 -17.59 -7.10
CA ASP D 261 26.06 -19.05 -7.02
C ASP D 261 26.85 -19.65 -8.18
C ACT E . 6.73 -15.61 6.24
O ACT E . 5.97 -16.25 5.48
OXT ACT E . 7.69 -14.91 5.80
CH3 ACT E . 6.46 -15.71 7.71
#